data_6PYS
#
_entry.id   6PYS
#
_cell.length_a   58.440
_cell.length_b   133.914
_cell.length_c   141.719
_cell.angle_alpha   90.000
_cell.angle_beta   90.000
_cell.angle_gamma   90.000
#
_symmetry.space_group_name_H-M   'P 21 21 21'
#
loop_
_entity.id
_entity.type
_entity.pdbx_description
1 polymer 'Phosphatidylinositol 4,5-bisphosphate 3-kinase catalytic subunit alpha isoform'
2 non-polymer (3S)-3-benzyl-3-methyl-5-[5-(2-methylpyrimidin-5-yl)pyrazolo[1,5-a]pyrimidin-3-yl]-1,3-dihydro-2H-indol-2-one
3 non-polymer GLYCEROL
4 water water
#
_entity_poly.entity_id   1
_entity_poly.type   'polypeptide(L)'
_entity_poly.pdbx_seq_one_letter_code
;NREEKILNREIGFAIGMPVCEFDMVKDPEVQDFRRNILNVCKEAVDLRDLNSPHSRAMYVYPPNVESSPELPKHIYNKLD
KGQIIVVIWVIVSPNNDKQKYTLKINHDCVPEQVIAEAIRKKTRSMLLSSEQLKLCVLEYQGKYILKVCGCDEYFLEKYP
LSQYKYIRSCIMLGRMPNLMLMAKESLYSQLPMDCFTMPSYSRRISTATPYMNGETSTKSLWVINSALRIKILCATYVNV
NIRDIDKIYVRTGIYHGGEPLCDNVNTQRVPCSNPRWNEWLNYDIYIPDLPRAARLCLSICSVKGRKGAKEEHCPLAWGN
INLFDYTDTLVSGKMALNLWPVPHGLEDLLNPIGVTGSNPNKETPCLELEFDWFSSVVKFPDMSVIEEHANWSVSREAGF
SYSHAGLSNRLARDNELRENDKEQLKAISTRDPLSEITEQEKDFLWSHRHYCVTIPEILPKLLLSVKWNSRDEVAQMYCL
VKDWPPIKPEQAMELLDCNYPDPMVRGFAVRCLEKYLTDDKLSQYLIQLVQVLKYEQYLDNLLVRFLLKKALTNQRIGHF
FFWHLKSEMHNKTVSQRFGLLLESYCRACGMYLKHLNRQVEAMEKLINLTDILKQEKKDETQKVQMKFLVEQMRRPDFMD
ALQGFLSPLNPAHQLGNLRLEECRIMSSAKRPLWLNWENPDIMSELLFQNNEIIFKNGDDLRQDMLTLQIIRIMENIWQN
QGLDLRMLPYGCLSIGDCVGLIEVVRNSHTIMQIQCKGGLKGALQFNSHTLHQWLKDKNKGEIYDAAIDLFTRSCAGYCV
ATFILGIGDRHNSNIMVKDDGQLFHIDFGHFLDHKKKKFGYKRERVPFVLTQDFLIVISKGAQECTKTREFERFQEMCYK
AYLAIRQHANLFINLFSMMLGSGMPELQSFDDIAYIRKTLALDKTEQEALEYFMKQMNDAHHGGW
;
_entity_poly.pdbx_strand_id   A
#
# COMPACT_ATOMS: atom_id res chain seq x y z
N ASN A 1 -37.58 -2.58 -6.04
CA ASN A 1 -37.20 -3.02 -7.43
C ASN A 1 -36.69 -1.87 -8.30
N ARG A 2 -37.47 -0.80 -8.39
CA ARG A 2 -37.09 0.40 -9.14
C ARG A 2 -35.92 1.13 -8.48
N GLU A 3 -35.98 1.24 -7.15
CA GLU A 3 -34.89 1.83 -6.35
C GLU A 3 -33.58 1.05 -6.52
N GLU A 4 -33.68 -0.28 -6.52
CA GLU A 4 -32.51 -1.16 -6.66
C GLU A 4 -31.87 -1.10 -8.05
N LYS A 5 -32.70 -1.05 -9.09
CA LYS A 5 -32.24 -0.92 -10.48
C LYS A 5 -31.47 0.40 -10.73
N ILE A 6 -31.94 1.47 -10.11
CA ILE A 6 -31.25 2.78 -10.16
C ILE A 6 -29.92 2.71 -9.42
N LEU A 7 -29.93 2.13 -8.21
CA LEU A 7 -28.73 1.92 -7.42
C LEU A 7 -27.70 1.05 -8.15
N ASN A 8 -28.18 -0.03 -8.79
CA ASN A 8 -27.32 -0.89 -9.61
C ASN A 8 -26.64 -0.14 -10.76
N ARG A 9 -27.37 0.78 -11.39
CA ARG A 9 -26.79 1.61 -12.45
C ARG A 9 -25.67 2.53 -11.91
N GLU A 10 -25.90 3.12 -10.73
CA GLU A 10 -24.90 3.96 -10.07
C GLU A 10 -23.64 3.19 -9.70
N ILE A 11 -23.82 2.01 -9.11
CA ILE A 11 -22.70 1.14 -8.72
C ILE A 11 -21.95 0.69 -9.97
N GLY A 12 -22.71 0.27 -10.99
CA GLY A 12 -22.14 -0.08 -12.29
C GLY A 12 -21.28 1.02 -12.90
N PHE A 13 -21.74 2.26 -12.78
CA PHE A 13 -20.99 3.43 -13.24
C PHE A 13 -19.71 3.64 -12.41
N ALA A 14 -19.82 3.51 -11.10
CA ALA A 14 -18.66 3.63 -10.19
C ALA A 14 -17.54 2.63 -10.49
N ILE A 15 -17.92 1.36 -10.66
CA ILE A 15 -16.96 0.26 -10.81
C ILE A 15 -16.48 0.03 -12.26
N GLY A 16 -17.17 0.64 -13.23
CA GLY A 16 -16.82 0.52 -14.65
C GLY A 16 -17.26 -0.78 -15.31
N MET A 17 -18.25 -1.44 -14.73
CA MET A 17 -18.84 -2.66 -15.30
C MET A 17 -20.23 -2.89 -14.70
N PRO A 18 -21.18 -3.43 -15.48
CA PRO A 18 -22.54 -3.59 -14.96
C PRO A 18 -22.67 -4.67 -13.88
N VAL A 19 -23.55 -4.41 -12.91
CA VAL A 19 -23.81 -5.32 -11.79
C VAL A 19 -24.32 -6.68 -12.26
N CYS A 20 -25.14 -6.69 -13.31
CA CYS A 20 -25.71 -7.92 -13.88
C CYS A 20 -24.67 -8.95 -14.33
N GLU A 21 -23.47 -8.52 -14.69
CA GLU A 21 -22.36 -9.45 -14.97
C GLU A 21 -21.95 -10.30 -13.76
N PHE A 22 -22.11 -9.77 -12.54
CA PHE A 22 -21.88 -10.55 -11.32
C PHE A 22 -22.98 -11.59 -11.07
N ASP A 23 -24.22 -11.25 -11.40
CA ASP A 23 -25.36 -12.18 -11.30
C ASP A 23 -25.21 -13.40 -12.23
N MET A 24 -24.62 -13.18 -13.41
CA MET A 24 -24.41 -14.26 -14.39
C MET A 24 -23.27 -15.24 -14.04
N VAL A 25 -22.42 -14.90 -13.07
CA VAL A 25 -21.31 -15.78 -12.66
C VAL A 25 -21.90 -17.00 -11.94
N LYS A 26 -21.58 -18.19 -12.45
CA LYS A 26 -22.08 -19.45 -11.90
C LYS A 26 -21.38 -19.87 -10.60
N ASP A 27 -20.07 -19.60 -10.52
CA ASP A 27 -19.22 -19.95 -9.36
C ASP A 27 -19.90 -19.71 -8.01
N PRO A 28 -20.13 -20.78 -7.20
CA PRO A 28 -20.74 -20.62 -5.88
C PRO A 28 -19.98 -19.72 -4.90
N GLU A 29 -18.65 -19.67 -5.02
CA GLU A 29 -17.83 -18.81 -4.18
C GLU A 29 -18.16 -17.33 -4.40
N VAL A 30 -18.35 -16.96 -5.66
CA VAL A 30 -18.70 -15.59 -6.03
C VAL A 30 -20.04 -15.20 -5.41
N GLN A 31 -21.06 -16.02 -5.62
CA GLN A 31 -22.40 -15.73 -5.11
C GLN A 31 -22.48 -15.77 -3.59
N ASP A 32 -21.75 -16.71 -2.97
CA ASP A 32 -21.60 -16.75 -1.52
C ASP A 32 -20.90 -15.51 -0.94
N PHE A 33 -19.89 -15.00 -1.65
CA PHE A 33 -19.19 -13.78 -1.20
C PHE A 33 -20.15 -12.60 -1.17
N ARG A 34 -20.85 -12.41 -2.29
CA ARG A 34 -21.83 -11.32 -2.43
C ARG A 34 -22.86 -11.32 -1.30
N ARG A 35 -23.42 -12.49 -0.99
CA ARG A 35 -24.36 -12.63 0.12
C ARG A 35 -23.71 -12.41 1.48
N ASN A 36 -22.68 -13.20 1.78
CA ASN A 36 -22.09 -13.24 3.12
C ASN A 36 -21.34 -11.98 3.53
N ILE A 37 -20.78 -11.24 2.56
CA ILE A 37 -20.06 -9.99 2.86
C ILE A 37 -20.97 -8.89 3.41
N LEU A 38 -22.27 -8.94 3.08
CA LEU A 38 -23.26 -7.93 3.53
C LEU A 38 -23.41 -7.81 5.05
N ASN A 39 -23.02 -8.85 5.78
CA ASN A 39 -22.87 -8.77 7.23
C ASN A 39 -21.92 -7.65 7.68
N VAL A 40 -20.80 -7.49 6.96
CA VAL A 40 -19.85 -6.41 7.24
C VAL A 40 -20.49 -5.06 6.93
N CYS A 41 -21.21 -5.00 5.80
CA CYS A 41 -21.98 -3.80 5.42
C CYS A 41 -22.99 -3.40 6.50
N LYS A 42 -23.73 -4.39 7.02
CA LYS A 42 -24.70 -4.18 8.10
C LYS A 42 -24.03 -3.59 9.35
N GLU A 43 -22.98 -4.26 9.81
CA GLU A 43 -22.22 -3.84 11.00
C GLU A 43 -21.69 -2.41 10.90
N ALA A 44 -21.14 -2.07 9.74
CA ALA A 44 -20.58 -0.72 9.50
C ALA A 44 -21.66 0.35 9.58
N VAL A 45 -22.80 0.10 8.94
CA VAL A 45 -23.94 1.02 8.94
C VAL A 45 -24.57 1.20 10.34
N ASP A 46 -24.60 0.13 11.15
CA ASP A 46 -25.09 0.21 12.54
C ASP A 46 -24.24 1.16 13.38
N LEU A 47 -22.92 1.06 13.25
CA LEU A 47 -21.99 1.97 13.93
C LEU A 47 -22.18 3.44 13.50
N ARG A 48 -22.54 3.66 12.24
CA ARG A 48 -22.86 5.00 11.72
C ARG A 48 -24.18 5.55 12.27
N ASP A 49 -25.16 4.66 12.48
CA ASP A 49 -26.46 5.03 13.06
C ASP A 49 -26.51 4.93 14.60
N LEU A 50 -25.35 4.73 15.24
CA LEU A 50 -25.30 4.43 16.68
C LEU A 50 -25.54 5.68 17.52
N ASN A 51 -24.74 6.72 17.29
CA ASN A 51 -24.83 8.00 18.00
C ASN A 51 -25.12 9.13 17.02
N SER A 52 -26.21 8.99 16.27
CA SER A 52 -26.61 9.94 15.24
C SER A 52 -27.08 11.26 15.87
N PRO A 53 -26.78 12.42 15.22
CA PRO A 53 -26.09 12.64 13.95
C PRO A 53 -24.56 12.74 14.02
N HIS A 54 -23.98 12.72 15.23
CA HIS A 54 -22.53 12.85 15.41
C HIS A 54 -21.74 11.72 14.75
N SER A 55 -22.21 10.49 14.92
CA SER A 55 -21.56 9.30 14.37
C SER A 55 -21.52 9.28 12.83
N ARG A 56 -22.52 9.89 12.20
CA ARG A 56 -22.54 10.11 10.75
C ARG A 56 -21.50 11.16 10.34
N ALA A 57 -21.42 12.25 11.10
CA ALA A 57 -20.43 13.31 10.86
C ALA A 57 -18.99 12.81 11.04
N MET A 58 -18.79 11.95 12.04
CA MET A 58 -17.50 11.28 12.26
C MET A 58 -17.08 10.35 11.12
N TYR A 59 -18.06 9.68 10.50
CA TYR A 59 -17.83 8.83 9.32
C TYR A 59 -17.41 9.65 8.11
N VAL A 60 -18.18 10.69 7.79
CA VAL A 60 -17.97 11.52 6.61
C VAL A 60 -16.75 12.45 6.76
N TYR A 61 -16.59 13.03 7.95
CA TYR A 61 -15.50 13.96 8.25
C TYR A 61 -14.69 13.47 9.48
N PRO A 62 -13.94 12.37 9.31
CA PRO A 62 -13.18 11.82 10.45
C PRO A 62 -12.01 12.72 10.87
N PRO A 63 -11.63 12.70 12.17
CA PRO A 63 -10.49 13.50 12.63
C PRO A 63 -9.18 13.13 11.93
N ASN A 64 -8.59 14.10 11.24
CA ASN A 64 -7.29 13.90 10.57
C ASN A 64 -6.19 14.10 11.60
N VAL A 65 -5.89 13.03 12.34
CA VAL A 65 -5.02 13.11 13.52
C VAL A 65 -3.82 12.17 13.41
N GLU A 66 -2.76 12.52 14.13
CA GLU A 66 -1.59 11.66 14.29
C GLU A 66 -1.93 10.52 15.25
N SER A 67 -1.12 9.47 15.24
CA SER A 67 -1.29 8.32 16.14
C SER A 67 -0.95 8.70 17.59
N SER A 68 0.22 9.31 17.76
CA SER A 68 0.74 9.71 19.08
C SER A 68 0.30 11.14 19.45
N PRO A 69 -0.33 11.33 20.64
CA PRO A 69 -0.57 12.68 21.16
C PRO A 69 0.72 13.46 21.52
N GLU A 70 1.76 12.74 21.94
CA GLU A 70 3.03 13.37 22.36
C GLU A 70 3.78 14.01 21.18
N LEU A 71 4.63 14.98 21.52
CA LEU A 71 5.42 15.73 20.52
C LEU A 71 6.92 15.46 20.71
N PRO A 72 7.71 15.60 19.62
CA PRO A 72 9.18 15.64 19.76
C PRO A 72 9.69 16.89 20.47
N LYS A 73 10.98 16.89 20.78
CA LYS A 73 11.63 17.98 21.52
C LYS A 73 11.82 19.25 20.68
N HIS A 74 12.36 19.07 19.46
CA HIS A 74 12.64 20.20 18.55
C HIS A 74 11.36 20.88 18.02
N ILE A 75 10.27 20.12 17.92
CA ILE A 75 8.95 20.65 17.56
C ILE A 75 8.34 21.47 18.70
N TYR A 76 8.50 20.99 19.93
CA TYR A 76 8.06 21.69 21.13
C TYR A 76 8.80 23.03 21.35
N ASN A 77 10.08 23.07 20.96
CA ASN A 77 10.89 24.30 21.07
C ASN A 77 10.43 25.45 20.16
N LYS A 78 9.74 25.12 19.06
CA LYS A 78 9.11 26.12 18.18
C LYS A 78 7.92 26.83 18.83
N LEU A 79 7.26 26.18 19.79
CA LEU A 79 6.18 26.79 20.58
C LEU A 79 6.71 27.82 21.58
N ASP A 80 5.81 28.66 22.08
CA ASP A 80 6.13 29.69 23.06
C ASP A 80 5.72 29.23 24.48
N LYS A 81 6.66 28.57 25.16
CA LYS A 81 6.42 27.96 26.48
C LYS A 81 5.24 26.97 26.47
N GLY A 82 5.23 26.11 25.45
CA GLY A 82 4.16 25.12 25.27
C GLY A 82 2.82 25.71 24.87
N GLN A 83 2.84 26.77 24.07
CA GLN A 83 1.61 27.44 23.61
C GLN A 83 1.68 27.79 22.13
N ILE A 84 0.51 27.93 21.52
CA ILE A 84 0.37 28.20 20.08
C ILE A 84 -0.55 29.40 19.85
N ILE A 85 -0.25 30.19 18.81
CA ILE A 85 -1.09 31.28 18.34
C ILE A 85 -2.05 30.69 17.29
N VAL A 86 -3.35 30.89 17.46
CA VAL A 86 -4.37 30.36 16.54
C VAL A 86 -5.40 31.45 16.23
N VAL A 87 -5.65 31.68 14.94
CA VAL A 87 -6.69 32.60 14.47
C VAL A 87 -7.99 31.81 14.28
N ILE A 88 -9.07 32.29 14.89
CA ILE A 88 -10.40 31.67 14.79
C ILE A 88 -11.35 32.67 14.14
N TRP A 89 -11.80 32.35 12.92
CA TRP A 89 -12.68 33.21 12.15
C TRP A 89 -14.16 32.91 12.45
N VAL A 90 -14.98 33.97 12.41
CA VAL A 90 -16.42 33.87 12.60
C VAL A 90 -17.08 34.69 11.50
N ILE A 91 -17.91 34.04 10.67
CA ILE A 91 -18.63 34.71 9.59
C ILE A 91 -19.90 35.35 10.17
N VAL A 92 -20.14 36.61 9.78
CA VAL A 92 -21.35 37.35 10.14
C VAL A 92 -21.89 38.05 8.88
N SER A 93 -23.23 38.06 8.74
CA SER A 93 -23.88 38.60 7.55
C SER A 93 -24.90 39.67 7.92
N ASP A 97 -19.36 39.23 6.06
CA ASP A 97 -18.13 39.77 6.66
C ASP A 97 -17.40 38.73 7.50
N LYS A 98 -16.07 38.85 7.54
CA LYS A 98 -15.19 37.87 8.19
C LYS A 98 -14.47 38.51 9.38
N GLN A 99 -14.86 38.10 10.59
CA GLN A 99 -14.25 38.58 11.84
C GLN A 99 -13.23 37.58 12.38
N LYS A 100 -11.96 38.00 12.46
CA LYS A 100 -10.88 37.17 13.01
C LYS A 100 -10.69 37.42 14.51
N TYR A 101 -10.30 36.37 15.23
CA TYR A 101 -10.02 36.44 16.66
C TYR A 101 -8.78 35.61 17.00
N THR A 102 -7.65 36.30 17.18
CA THR A 102 -6.37 35.65 17.47
C THR A 102 -6.29 35.21 18.93
N LEU A 103 -6.11 33.90 19.14
CA LEU A 103 -6.00 33.31 20.48
C LEU A 103 -4.58 32.83 20.73
N LYS A 104 -4.14 32.92 21.98
CA LYS A 104 -2.89 32.34 22.44
C LYS A 104 -3.24 31.33 23.53
N ILE A 105 -3.01 30.04 23.23
CA ILE A 105 -3.47 28.94 24.07
C ILE A 105 -2.46 27.79 24.11
N ASN A 106 -2.65 26.88 25.06
CA ASN A 106 -1.82 25.68 25.18
C ASN A 106 -2.01 24.78 23.96
N HIS A 107 -0.91 24.15 23.51
CA HIS A 107 -0.95 23.27 22.34
C HIS A 107 -1.86 22.05 22.51
N ASP A 108 -2.02 21.60 23.76
CA ASP A 108 -2.86 20.43 24.09
C ASP A 108 -4.31 20.75 24.50
N CYS A 109 -4.80 21.94 24.13
CA CYS A 109 -6.22 22.31 24.36
C CYS A 109 -7.17 21.47 23.49
N VAL A 110 -8.38 21.24 24.02
CA VAL A 110 -9.43 20.49 23.32
C VAL A 110 -10.28 21.51 22.55
N PRO A 111 -10.77 21.16 21.34
CA PRO A 111 -11.64 22.05 20.54
C PRO A 111 -12.73 22.81 21.30
N GLU A 112 -13.37 22.16 22.27
CA GLU A 112 -14.38 22.82 23.12
C GLU A 112 -13.79 23.98 23.94
N GLN A 113 -12.57 23.79 24.45
CA GLN A 113 -11.84 24.85 25.16
C GLN A 113 -11.39 25.96 24.20
N VAL A 114 -11.00 25.56 22.98
CA VAL A 114 -10.59 26.50 21.92
C VAL A 114 -11.78 27.36 21.47
N ILE A 115 -12.96 26.74 21.34
CA ILE A 115 -14.20 27.45 20.99
C ILE A 115 -14.61 28.44 22.10
N ALA A 116 -14.52 28.00 23.35
CA ALA A 116 -14.85 28.83 24.52
C ALA A 116 -14.00 30.11 24.59
N GLU A 117 -12.69 29.96 24.40
CA GLU A 117 -11.75 31.08 24.35
C GLU A 117 -12.01 32.05 23.19
N ALA A 118 -12.53 31.55 22.08
CA ALA A 118 -12.96 32.37 20.95
C ALA A 118 -14.24 33.17 21.27
N ILE A 119 -15.18 32.52 21.96
CA ILE A 119 -16.40 33.17 22.43
C ILE A 119 -16.11 34.26 23.48
N ARG A 120 -15.16 33.98 24.38
CA ARG A 120 -14.69 34.96 25.37
C ARG A 120 -14.12 36.23 24.73
N LYS A 121 -13.28 36.05 23.70
CA LYS A 121 -12.75 37.19 22.93
C LYS A 121 -13.82 37.97 22.19
N LYS A 122 -14.83 37.26 21.68
CA LYS A 122 -16.00 37.89 21.05
C LYS A 122 -16.86 38.66 22.08
N THR A 123 -16.97 38.11 23.28
CA THR A 123 -17.68 38.76 24.40
C THR A 123 -16.96 40.02 24.90
N ARG A 124 -15.63 39.95 25.01
CA ARG A 124 -14.80 41.10 25.43
C ARG A 124 -14.93 42.31 24.51
N SER A 125 -15.13 42.06 23.21
CA SER A 125 -15.32 43.11 22.20
C SER A 125 -16.59 43.95 22.40
N MET A 126 -17.60 43.40 23.06
CA MET A 126 -18.85 44.13 23.37
C MET A 126 -18.61 45.21 24.43
N TYR A 140 -23.55 27.29 24.83
CA TYR A 140 -22.87 28.17 23.87
C TYR A 140 -21.68 27.49 23.19
N GLN A 141 -20.80 26.92 24.00
CA GLN A 141 -19.61 26.21 23.50
C GLN A 141 -19.94 24.91 22.75
N GLY A 142 -20.89 24.15 23.27
CA GLY A 142 -21.30 22.87 22.68
C GLY A 142 -22.13 22.92 21.40
N LYS A 143 -22.61 24.11 21.03
CA LYS A 143 -23.41 24.30 19.81
C LYS A 143 -22.58 24.56 18.53
N TYR A 144 -21.26 24.68 18.66
CA TYR A 144 -20.37 24.96 17.53
C TYR A 144 -19.30 23.88 17.32
N ILE A 145 -18.64 23.93 16.16
CA ILE A 145 -17.49 23.08 15.83
C ILE A 145 -16.44 23.88 15.06
N LEU A 146 -15.20 23.39 15.08
CA LEU A 146 -14.10 24.02 14.37
C LEU A 146 -13.85 23.34 13.02
N LYS A 147 -13.75 24.17 11.98
CA LYS A 147 -13.45 23.73 10.61
C LYS A 147 -12.14 24.40 10.19
N VAL A 148 -11.33 23.68 9.41
CA VAL A 148 -10.11 24.26 8.85
C VAL A 148 -10.52 25.20 7.71
N CYS A 149 -9.95 26.41 7.70
CA CYS A 149 -10.24 27.41 6.67
C CYS A 149 -9.69 26.96 5.32
N GLY A 150 -10.54 26.96 4.31
CA GLY A 150 -10.12 26.65 2.93
C GLY A 150 -10.34 25.23 2.44
N CYS A 151 -10.73 24.32 3.32
CA CYS A 151 -11.05 22.93 2.93
C CYS A 151 -12.02 22.26 3.91
N ASP A 152 -12.58 21.13 3.49
CA ASP A 152 -13.58 20.40 4.28
C ASP A 152 -12.92 19.41 5.25
N GLU A 153 -12.27 19.95 6.27
CA GLU A 153 -11.73 19.20 7.40
C GLU A 153 -12.25 19.84 8.68
N TYR A 154 -12.70 19.00 9.61
CA TYR A 154 -13.33 19.43 10.85
C TYR A 154 -12.63 18.80 12.04
N PHE A 155 -12.75 19.45 13.20
CA PHE A 155 -12.23 18.92 14.46
C PHE A 155 -13.42 18.48 15.31
N LEU A 156 -14.05 17.39 14.90
CA LEU A 156 -15.28 16.89 15.53
C LEU A 156 -15.08 16.08 16.81
N GLU A 157 -13.85 15.63 17.07
CA GLU A 157 -13.54 14.80 18.24
C GLU A 157 -12.60 15.53 19.20
N LYS A 158 -12.75 15.21 20.49
CA LYS A 158 -11.98 15.86 21.56
C LYS A 158 -10.56 15.31 21.65
N TYR A 159 -9.71 15.74 20.71
CA TYR A 159 -8.28 15.45 20.73
C TYR A 159 -7.54 16.70 21.20
N PRO A 160 -6.27 16.54 21.63
CA PRO A 160 -5.39 17.70 21.78
C PRO A 160 -5.20 18.40 20.43
N LEU A 161 -5.23 19.73 20.44
CA LEU A 161 -5.18 20.52 19.20
C LEU A 161 -3.94 20.21 18.35
N SER A 162 -2.80 20.01 19.01
CA SER A 162 -1.54 19.68 18.33
C SER A 162 -1.51 18.29 17.66
N GLN A 163 -2.37 17.37 18.10
CA GLN A 163 -2.48 16.03 17.50
C GLN A 163 -3.13 16.04 16.11
N TYR A 164 -3.94 17.06 15.81
CA TYR A 164 -4.50 17.25 14.46
C TYR A 164 -3.38 17.58 13.48
N LYS A 165 -3.34 16.87 12.36
CA LYS A 165 -2.24 16.96 11.38
C LYS A 165 -2.05 18.36 10.81
N TYR A 166 -3.15 19.05 10.52
CA TYR A 166 -3.11 20.44 10.07
C TYR A 166 -2.37 21.35 11.07
N ILE A 167 -2.65 21.16 12.36
CA ILE A 167 -2.08 21.99 13.42
C ILE A 167 -0.60 21.67 13.62
N ARG A 168 -0.25 20.38 13.64
CA ARG A 168 1.15 19.95 13.78
C ARG A 168 2.02 20.39 12.59
N SER A 169 1.41 20.42 11.41
CA SER A 169 2.07 20.95 10.20
C SER A 169 2.35 22.45 10.31
N CYS A 170 1.35 23.21 10.78
CA CYS A 170 1.51 24.66 11.01
C CYS A 170 2.65 24.99 11.98
N ILE A 171 2.81 24.18 13.03
CA ILE A 171 3.89 24.35 14.01
C ILE A 171 5.26 24.07 13.38
N MET A 172 5.35 22.93 12.70
CA MET A 172 6.61 22.52 12.04
C MET A 172 7.04 23.46 10.92
N LEU A 173 6.09 23.86 10.07
CA LEU A 173 6.36 24.79 8.95
C LEU A 173 6.40 26.27 9.34
N GLY A 174 6.00 26.60 10.57
CA GLY A 174 6.02 27.99 11.04
C GLY A 174 4.92 28.85 10.43
N ARG A 175 3.72 28.27 10.30
CA ARG A 175 2.54 28.95 9.75
C ARG A 175 1.51 29.20 10.84
N MET A 176 0.54 30.07 10.54
CA MET A 176 -0.55 30.41 11.44
C MET A 176 -1.76 29.50 11.18
N PRO A 177 -2.20 28.71 12.19
CA PRO A 177 -3.43 27.93 12.02
C PRO A 177 -4.67 28.82 11.94
N ASN A 178 -5.40 28.72 10.84
CA ASN A 178 -6.65 29.45 10.64
C ASN A 178 -7.84 28.51 10.64
N LEU A 179 -8.65 28.61 11.69
CA LEU A 179 -9.86 27.81 11.85
C LEU A 179 -11.08 28.70 11.73
N MET A 180 -12.20 28.09 11.35
CA MET A 180 -13.47 28.80 11.19
C MET A 180 -14.47 28.20 12.18
N LEU A 181 -15.22 29.07 12.84
CA LEU A 181 -16.28 28.65 13.76
C LEU A 181 -17.54 28.40 12.93
N MET A 182 -18.12 27.21 13.07
CA MET A 182 -19.31 26.81 12.32
C MET A 182 -20.30 26.15 13.28
N ALA A 183 -21.59 26.43 13.05
CA ALA A 183 -22.65 25.83 13.86
C ALA A 183 -22.82 24.35 13.51
N LYS A 184 -23.02 23.52 14.52
CA LYS A 184 -23.25 22.08 14.35
C LYS A 184 -24.43 21.76 13.43
N GLU A 185 -25.51 22.52 13.57
CA GLU A 185 -26.72 22.35 12.75
C GLU A 185 -26.50 22.65 11.26
N SER A 186 -25.54 23.52 10.95
CA SER A 186 -25.16 23.81 9.56
C SER A 186 -24.47 22.62 8.89
N LEU A 187 -23.59 21.93 9.63
CA LEU A 187 -22.90 20.75 9.11
C LEU A 187 -23.82 19.54 9.02
N TYR A 188 -24.54 19.25 10.11
CA TYR A 188 -25.45 18.09 10.17
C TYR A 188 -26.56 18.12 9.11
N SER A 189 -27.05 19.31 8.78
CA SER A 189 -28.06 19.50 7.74
C SER A 189 -27.53 19.17 6.34
N GLN A 190 -26.25 19.48 6.08
CA GLN A 190 -25.60 19.16 4.81
C GLN A 190 -25.37 17.65 4.59
N LEU A 191 -25.33 16.86 5.67
CA LEU A 191 -25.15 15.40 5.60
C LEU A 191 -26.48 14.66 5.47
N PRO A 192 -26.77 14.05 4.29
CA PRO A 192 -28.04 13.30 4.17
C PRO A 192 -28.07 11.99 4.95
N MET A 193 -29.27 11.61 5.39
CA MET A 193 -29.48 10.35 6.11
C MET A 193 -29.54 9.20 5.11
N ASP A 194 -28.47 8.41 5.05
CA ASP A 194 -28.40 7.25 4.14
C ASP A 194 -29.31 6.12 4.62
N CYS A 195 -29.86 5.37 3.66
CA CYS A 195 -30.75 4.24 3.93
C CYS A 195 -30.20 2.99 3.22
N PHE A 196 -29.46 2.17 3.98
CA PHE A 196 -28.88 0.94 3.45
C PHE A 196 -29.95 -0.13 3.25
N THR A 197 -30.25 -0.42 1.99
CA THR A 197 -31.17 -1.50 1.63
C THR A 197 -30.37 -2.76 1.28
N MET A 198 -30.86 -3.91 1.72
CA MET A 198 -30.27 -5.20 1.37
C MET A 198 -30.72 -5.58 -0.04
N PRO A 199 -29.78 -5.98 -0.92
CA PRO A 199 -30.12 -6.32 -2.31
C PRO A 199 -30.84 -7.66 -2.46
N SER A 200 -31.40 -7.87 -3.65
CA SER A 200 -32.24 -9.04 -3.96
C SER A 200 -31.50 -10.37 -3.87
N TYR A 201 -30.21 -10.37 -4.22
CA TYR A 201 -29.37 -11.56 -4.14
C TYR A 201 -29.08 -12.06 -2.72
N SER A 202 -29.29 -11.21 -1.71
CA SER A 202 -29.16 -11.61 -0.30
C SER A 202 -30.18 -12.64 0.18
N ARG A 203 -31.32 -12.75 -0.52
CA ARG A 203 -32.36 -13.74 -0.21
C ARG A 203 -31.89 -15.16 -0.53
N THR A 216 -22.55 -41.79 -0.55
CA THR A 216 -21.41 -40.87 -0.43
C THR A 216 -21.41 -40.17 0.93
N SER A 217 -20.43 -40.51 1.77
CA SER A 217 -20.29 -39.94 3.11
C SER A 217 -19.51 -38.62 3.10
N THR A 218 -19.26 -38.06 4.29
CA THR A 218 -18.39 -36.89 4.48
C THR A 218 -17.26 -37.26 5.43
N LYS A 219 -16.09 -37.58 4.87
CA LYS A 219 -14.92 -38.02 5.63
C LYS A 219 -13.89 -36.90 5.80
N SER A 220 -13.04 -37.05 6.81
CA SER A 220 -11.95 -36.11 7.07
C SER A 220 -10.75 -36.43 6.17
N LEU A 221 -9.94 -35.41 5.91
CA LEU A 221 -8.69 -35.55 5.15
C LEU A 221 -7.69 -36.50 5.83
N TRP A 222 -7.65 -36.45 7.17
CA TRP A 222 -6.68 -37.23 7.95
C TRP A 222 -6.96 -38.74 8.03
N VAL A 223 -8.18 -39.16 7.70
CA VAL A 223 -8.53 -40.59 7.68
C VAL A 223 -8.43 -41.21 6.26
N ILE A 224 -7.65 -40.57 5.39
CA ILE A 224 -7.46 -41.00 4.00
C ILE A 224 -6.04 -41.54 3.88
N ASN A 225 -5.91 -42.87 3.90
CA ASN A 225 -4.61 -43.52 3.70
C ASN A 225 -4.30 -43.67 2.21
N SER A 226 -3.72 -42.62 1.63
CA SER A 226 -3.37 -42.58 0.21
C SER A 226 -2.39 -41.45 -0.14
N ALA A 227 -1.54 -41.68 -1.14
CA ALA A 227 -0.62 -40.66 -1.66
C ALA A 227 -1.32 -39.79 -2.70
N LEU A 228 -0.76 -38.60 -2.94
CA LEU A 228 -1.39 -37.62 -3.85
C LEU A 228 -1.13 -37.99 -5.31
N ARG A 229 -2.20 -37.98 -6.10
CA ARG A 229 -2.14 -38.23 -7.54
C ARG A 229 -3.12 -37.31 -8.27
N ILE A 230 -2.66 -36.72 -9.38
CA ILE A 230 -3.48 -35.83 -10.22
C ILE A 230 -3.34 -36.26 -11.68
N LYS A 231 -4.47 -36.46 -12.35
CA LYS A 231 -4.49 -36.80 -13.78
C LYS A 231 -4.55 -35.54 -14.64
N ILE A 232 -3.69 -35.49 -15.66
CA ILE A 232 -3.71 -34.44 -16.68
C ILE A 232 -4.25 -35.07 -17.96
N LEU A 233 -5.42 -34.60 -18.39
CA LEU A 233 -6.12 -35.18 -19.54
C LEU A 233 -5.58 -34.62 -20.87
N CYS A 234 -5.81 -33.33 -21.11
CA CYS A 234 -5.51 -32.70 -22.39
C CYS A 234 -5.65 -31.18 -22.33
N ALA A 235 -5.02 -30.51 -23.29
CA ALA A 235 -5.14 -29.07 -23.46
C ALA A 235 -5.92 -28.73 -24.74
N THR A 236 -6.57 -27.57 -24.74
CA THR A 236 -7.20 -26.99 -25.93
C THR A 236 -6.80 -25.53 -26.05
N TYR A 237 -7.05 -24.93 -27.22
CA TYR A 237 -6.59 -23.57 -27.57
C TYR A 237 -5.06 -23.40 -27.47
N VAL A 238 -4.33 -24.46 -27.76
CA VAL A 238 -2.86 -24.44 -27.75
C VAL A 238 -2.42 -23.96 -29.12
N ASN A 239 -2.42 -22.64 -29.30
CA ASN A 239 -2.04 -22.00 -30.55
C ASN A 239 -0.58 -21.53 -30.50
N VAL A 240 0.25 -22.16 -31.34
CA VAL A 240 1.69 -21.85 -31.42
C VAL A 240 2.21 -21.92 -32.86
N ASN A 241 3.38 -21.34 -33.09
CA ASN A 241 4.01 -21.30 -34.41
C ASN A 241 4.61 -22.66 -34.79
N ILE A 245 8.22 -24.34 -32.16
CA ILE A 245 7.88 -25.14 -30.98
C ILE A 245 7.68 -26.60 -31.39
N ASP A 246 8.66 -27.44 -31.07
CA ASP A 246 8.54 -28.89 -31.22
C ASP A 246 7.58 -29.43 -30.14
N LYS A 247 8.05 -30.31 -29.24
CA LYS A 247 7.16 -30.95 -28.28
C LYS A 247 6.90 -30.06 -27.07
N ILE A 248 5.90 -30.47 -26.27
CA ILE A 248 5.48 -29.76 -25.07
C ILE A 248 5.10 -30.75 -23.98
N TYR A 249 5.10 -30.28 -22.75
CA TYR A 249 4.68 -31.08 -21.60
C TYR A 249 4.08 -30.21 -20.50
N VAL A 250 3.29 -30.83 -19.64
CA VAL A 250 2.71 -30.14 -18.48
C VAL A 250 3.60 -30.38 -17.26
N ARG A 251 4.32 -29.33 -16.86
CA ARG A 251 5.06 -29.33 -15.61
C ARG A 251 4.09 -29.06 -14.46
N THR A 252 4.24 -29.78 -13.35
CA THR A 252 3.41 -29.58 -12.16
C THR A 252 4.22 -29.60 -10.87
N GLY A 253 3.63 -29.03 -9.83
CA GLY A 253 4.24 -28.96 -8.51
C GLY A 253 3.23 -28.65 -7.42
N ILE A 254 3.52 -29.14 -6.22
CA ILE A 254 2.68 -28.91 -5.05
C ILE A 254 3.39 -27.88 -4.17
N TYR A 255 2.73 -26.75 -3.93
CA TYR A 255 3.34 -25.60 -3.24
C TYR A 255 2.53 -25.14 -2.03
N HIS A 256 3.24 -24.58 -1.07
CA HIS A 256 2.64 -23.84 0.05
C HIS A 256 3.29 -22.47 0.02
N GLY A 257 2.59 -21.51 -0.58
CA GLY A 257 3.17 -20.20 -0.92
C GLY A 257 4.17 -20.38 -2.05
N GLY A 258 5.39 -19.87 -1.86
CA GLY A 258 6.50 -20.13 -2.78
C GLY A 258 7.30 -21.40 -2.51
N GLU A 259 7.00 -22.09 -1.40
CA GLU A 259 7.77 -23.27 -0.97
C GLU A 259 7.21 -24.58 -1.52
N PRO A 260 8.05 -25.39 -2.21
CA PRO A 260 7.57 -26.70 -2.67
C PRO A 260 7.40 -27.69 -1.52
N LEU A 261 6.31 -28.46 -1.55
CA LEU A 261 6.03 -29.50 -0.54
C LEU A 261 6.55 -30.88 -0.95
N CYS A 262 6.86 -31.04 -2.24
CA CYS A 262 7.52 -32.25 -2.75
C CYS A 262 8.24 -31.89 -4.04
N ASP A 263 8.83 -32.89 -4.70
CA ASP A 263 9.46 -32.67 -6.00
C ASP A 263 8.41 -32.35 -7.07
N ASN A 264 8.81 -31.54 -8.06
CA ASN A 264 7.97 -31.27 -9.24
C ASN A 264 7.89 -32.53 -10.11
N VAL A 265 6.73 -32.73 -10.74
CA VAL A 265 6.47 -33.92 -11.57
C VAL A 265 6.04 -33.49 -12.97
N ASN A 266 6.71 -34.04 -13.99
CA ASN A 266 6.40 -33.77 -15.40
C ASN A 266 5.55 -34.86 -16.03
N THR A 267 4.80 -34.49 -17.06
CA THR A 267 4.15 -35.44 -17.96
C THR A 267 5.16 -35.89 -19.02
N GLN A 268 4.77 -36.89 -19.81
CA GLN A 268 5.54 -37.31 -20.98
C GLN A 268 5.43 -36.25 -22.07
N ARG A 269 6.47 -36.14 -22.90
CA ARG A 269 6.54 -35.10 -23.93
C ARG A 269 5.63 -35.45 -25.10
N VAL A 270 5.08 -34.41 -25.74
CA VAL A 270 4.09 -34.56 -26.82
C VAL A 270 4.27 -33.41 -27.82
N PRO A 271 4.08 -33.66 -29.15
CA PRO A 271 4.45 -32.67 -30.18
C PRO A 271 3.77 -31.31 -30.11
N CYS A 272 2.56 -31.23 -29.55
CA CYS A 272 1.75 -29.98 -29.44
C CYS A 272 0.80 -29.80 -30.62
N SER A 273 1.06 -30.51 -31.71
CA SER A 273 0.09 -30.69 -32.78
C SER A 273 -1.12 -31.44 -32.21
N ASN A 274 -0.82 -32.44 -31.38
CA ASN A 274 -1.80 -33.15 -30.57
C ASN A 274 -1.49 -32.95 -29.08
N PRO A 275 -2.20 -32.03 -28.40
CA PRO A 275 -2.12 -31.83 -26.95
C PRO A 275 -3.01 -32.77 -26.12
N ARG A 276 -2.51 -33.99 -25.89
CA ARG A 276 -3.20 -34.98 -25.04
C ARG A 276 -2.18 -35.78 -24.23
N TRP A 277 -2.60 -36.22 -23.04
CA TRP A 277 -1.72 -36.95 -22.10
C TRP A 277 -2.43 -38.12 -21.44
N ASN A 278 -3.49 -37.82 -20.68
CA ASN A 278 -4.26 -38.82 -19.92
C ASN A 278 -3.38 -39.60 -18.91
N GLU A 279 -2.46 -38.87 -18.29
CA GLU A 279 -1.38 -39.45 -17.48
C GLU A 279 -1.55 -39.05 -16.01
N TRP A 280 -1.60 -40.05 -15.13
CA TRP A 280 -1.62 -39.83 -13.68
C TRP A 280 -0.21 -39.50 -13.18
N LEU A 281 -0.01 -38.27 -12.71
CA LEU A 281 1.24 -37.88 -12.06
C LEU A 281 1.16 -38.20 -10.57
N ASN A 282 2.17 -38.88 -10.05
CA ASN A 282 2.26 -39.24 -8.63
C ASN A 282 3.25 -38.34 -7.90
N TYR A 283 2.83 -37.77 -6.78
CA TYR A 283 3.64 -36.84 -6.00
C TYR A 283 4.09 -37.48 -4.69
N ASP A 284 5.23 -37.01 -4.17
CA ASP A 284 5.81 -37.53 -2.94
C ASP A 284 5.22 -36.81 -1.72
N ILE A 285 3.91 -37.00 -1.51
CA ILE A 285 3.22 -36.45 -0.35
C ILE A 285 2.00 -37.29 0.03
N TYR A 286 1.86 -37.53 1.33
CA TYR A 286 0.75 -38.28 1.90
C TYR A 286 -0.43 -37.31 2.05
N ILE A 287 -1.61 -37.71 1.59
CA ILE A 287 -2.79 -36.82 1.53
C ILE A 287 -3.13 -36.13 2.87
N PRO A 288 -3.12 -36.85 4.00
CA PRO A 288 -3.28 -36.24 5.33
C PRO A 288 -2.28 -35.14 5.68
N ASP A 289 -1.08 -35.19 5.10
CA ASP A 289 -0.05 -34.16 5.29
C ASP A 289 -0.19 -32.90 4.43
N LEU A 290 -1.18 -32.86 3.53
CA LEU A 290 -1.43 -31.64 2.73
C LEU A 290 -1.92 -30.50 3.64
N PRO A 291 -1.16 -29.37 3.69
CA PRO A 291 -1.59 -28.25 4.52
C PRO A 291 -2.76 -27.51 3.92
N ARG A 292 -3.47 -26.73 4.75
CA ARG A 292 -4.71 -26.05 4.35
C ARG A 292 -4.53 -25.18 3.10
N ALA A 293 -3.40 -24.50 3.00
CA ALA A 293 -3.11 -23.60 1.87
C ALA A 293 -2.32 -24.23 0.72
N ALA A 294 -2.33 -25.56 0.63
CA ALA A 294 -1.64 -26.27 -0.45
C ALA A 294 -2.26 -25.95 -1.81
N ARG A 295 -1.41 -25.79 -2.81
CA ARG A 295 -1.83 -25.43 -4.16
C ARG A 295 -1.14 -26.30 -5.21
N LEU A 296 -1.88 -26.64 -6.26
CA LEU A 296 -1.29 -27.20 -7.47
C LEU A 296 -0.84 -26.04 -8.32
N CYS A 297 0.45 -26.00 -8.63
CA CYS A 297 1.01 -25.05 -9.59
C CYS A 297 1.42 -25.83 -10.82
N LEU A 298 1.06 -25.32 -12.01
CA LEU A 298 1.38 -25.99 -13.27
C LEU A 298 1.67 -25.02 -14.42
N SER A 299 2.26 -25.58 -15.48
CA SER A 299 2.55 -24.83 -16.70
C SER A 299 2.79 -25.76 -17.89
N ILE A 300 2.35 -25.33 -19.07
CA ILE A 300 2.67 -26.00 -20.33
C ILE A 300 3.99 -25.40 -20.81
N CYS A 301 5.01 -26.25 -20.94
CA CYS A 301 6.36 -25.82 -21.31
C CYS A 301 6.77 -26.38 -22.67
N SER A 302 7.88 -25.86 -23.20
CA SER A 302 8.43 -26.26 -24.49
C SER A 302 9.95 -26.32 -24.42
N VAL A 303 10.52 -27.40 -24.97
CA VAL A 303 11.96 -27.67 -24.90
C VAL A 303 12.64 -27.10 -26.15
N GLU A 311 19.65 -28.41 -23.60
CA GLU A 311 18.25 -28.08 -23.89
C GLU A 311 17.84 -26.73 -23.29
N GLU A 312 16.91 -26.06 -23.96
CA GLU A 312 16.35 -24.77 -23.52
C GLU A 312 14.85 -24.92 -23.26
N HIS A 313 14.51 -25.21 -22.00
CA HIS A 313 13.11 -25.27 -21.56
C HIS A 313 12.54 -23.86 -21.43
N CYS A 314 11.27 -23.70 -21.81
CA CYS A 314 10.61 -22.39 -21.79
C CYS A 314 9.10 -22.53 -21.56
N PRO A 315 8.53 -21.76 -20.61
CA PRO A 315 7.10 -21.88 -20.34
C PRO A 315 6.25 -21.12 -21.36
N LEU A 316 5.13 -21.72 -21.75
CA LEU A 316 4.19 -21.13 -22.72
C LEU A 316 3.01 -20.47 -22.00
N ALA A 317 2.38 -21.23 -21.10
CA ALA A 317 1.30 -20.71 -20.26
C ALA A 317 1.35 -21.37 -18.87
N TRP A 318 0.83 -20.67 -17.87
CA TRP A 318 0.88 -21.12 -16.47
C TRP A 318 -0.47 -20.99 -15.79
N GLY A 319 -0.64 -21.73 -14.69
CA GLY A 319 -1.87 -21.67 -13.91
C GLY A 319 -1.73 -22.33 -12.55
N ASN A 320 -2.44 -21.78 -11.56
CA ASN A 320 -2.43 -22.29 -10.18
C ASN A 320 -3.85 -22.61 -9.66
N ILE A 321 -3.96 -23.66 -8.85
CA ILE A 321 -5.23 -24.10 -8.28
C ILE A 321 -5.06 -24.36 -6.79
N ASN A 322 -6.05 -23.95 -5.99
CA ASN A 322 -6.14 -24.34 -4.57
C ASN A 322 -6.59 -25.79 -4.47
N LEU A 323 -5.82 -26.63 -3.78
CA LEU A 323 -6.20 -28.02 -3.57
C LEU A 323 -7.43 -28.20 -2.68
N PHE A 324 -7.70 -27.20 -1.83
CA PHE A 324 -8.95 -27.12 -1.07
C PHE A 324 -9.74 -25.90 -1.51
N ASP A 325 -11.06 -26.02 -1.57
CA ASP A 325 -11.91 -24.89 -1.96
C ASP A 325 -12.28 -24.05 -0.73
N TYR A 326 -13.07 -23.00 -0.96
CA TYR A 326 -13.50 -22.07 0.10
C TYR A 326 -14.34 -22.70 1.23
N THR A 327 -14.95 -23.86 0.98
CA THR A 327 -15.72 -24.59 2.02
C THR A 327 -14.89 -25.66 2.78
N ASP A 328 -13.56 -25.57 2.71
CA ASP A 328 -12.61 -26.55 3.29
C ASP A 328 -12.67 -27.96 2.64
N THR A 329 -13.21 -28.05 1.42
CA THR A 329 -13.40 -29.33 0.73
C THR A 329 -12.26 -29.57 -0.25
N LEU A 330 -11.68 -30.77 -0.22
CA LEU A 330 -10.62 -31.16 -1.16
C LEU A 330 -11.21 -31.31 -2.56
N VAL A 331 -10.46 -30.86 -3.57
CA VAL A 331 -10.95 -30.84 -4.95
C VAL A 331 -10.98 -32.28 -5.49
N SER A 332 -12.06 -32.60 -6.20
CA SER A 332 -12.31 -33.95 -6.71
C SER A 332 -13.03 -33.88 -8.06
N GLY A 333 -12.87 -34.92 -8.87
CA GLY A 333 -13.51 -35.01 -10.19
C GLY A 333 -12.79 -34.19 -11.25
N LYS A 334 -13.51 -33.88 -12.32
CA LYS A 334 -12.95 -33.15 -13.46
C LYS A 334 -12.87 -31.65 -13.20
N MET A 335 -11.87 -31.00 -13.80
CA MET A 335 -11.70 -29.54 -13.73
C MET A 335 -11.04 -29.04 -15.01
N ALA A 336 -11.44 -27.85 -15.45
CA ALA A 336 -10.87 -27.18 -16.61
C ALA A 336 -10.29 -25.84 -16.17
N LEU A 337 -8.98 -25.66 -16.38
CA LEU A 337 -8.27 -24.44 -15.99
C LEU A 337 -7.74 -23.68 -17.21
N ASN A 338 -8.29 -22.50 -17.47
CA ASN A 338 -7.74 -21.60 -18.48
C ASN A 338 -6.48 -20.92 -17.94
N LEU A 339 -5.40 -20.98 -18.73
CA LEU A 339 -4.08 -20.56 -18.29
C LEU A 339 -3.76 -19.13 -18.69
N TRP A 340 -2.70 -18.59 -18.09
CA TRP A 340 -2.27 -17.20 -18.27
C TRP A 340 -1.04 -17.13 -19.15
N PRO A 341 -0.80 -15.96 -19.80
CA PRO A 341 0.45 -15.77 -20.52
C PRO A 341 1.60 -15.51 -19.56
N VAL A 342 2.80 -15.95 -19.93
CA VAL A 342 3.98 -15.82 -19.06
C VAL A 342 4.40 -14.34 -18.96
N PRO A 343 4.72 -13.86 -17.74
CA PRO A 343 5.23 -12.48 -17.62
C PRO A 343 6.66 -12.33 -18.15
N HIS A 344 7.00 -11.10 -18.56
CA HIS A 344 8.30 -10.82 -19.16
C HIS A 344 9.42 -10.84 -18.11
N GLY A 345 10.51 -11.55 -18.44
CA GLY A 345 11.68 -11.64 -17.56
C GLY A 345 11.69 -12.80 -16.57
N LEU A 346 10.64 -13.62 -16.55
CA LEU A 346 10.56 -14.77 -15.65
C LEU A 346 11.26 -15.98 -16.27
N GLU A 347 12.43 -16.33 -15.73
CA GLU A 347 13.21 -17.49 -16.18
C GLU A 347 12.59 -18.83 -15.77
N ASP A 348 11.88 -18.86 -14.63
CA ASP A 348 11.36 -20.11 -14.07
C ASP A 348 10.19 -20.69 -14.87
N LEU A 349 10.07 -22.02 -14.86
CA LEU A 349 9.03 -22.74 -15.62
C LEU A 349 7.66 -22.70 -14.95
N LEU A 350 7.63 -22.78 -13.62
CA LEU A 350 6.40 -22.59 -12.84
C LEU A 350 6.33 -21.17 -12.31
N ASN A 351 5.13 -20.78 -11.89
CA ASN A 351 4.88 -19.46 -11.32
C ASN A 351 4.05 -19.58 -10.04
N PRO A 352 4.68 -20.07 -8.95
CA PRO A 352 3.97 -20.35 -7.71
C PRO A 352 3.29 -19.15 -7.05
N ILE A 353 3.94 -17.98 -7.09
N ILE A 353 3.93 -17.98 -7.07
CA ILE A 353 3.37 -16.77 -6.49
CA ILE A 353 3.36 -16.78 -6.48
C ILE A 353 2.36 -16.04 -7.37
C ILE A 353 2.34 -16.05 -7.36
N GLY A 354 2.22 -16.47 -8.63
CA GLY A 354 1.17 -15.98 -9.51
C GLY A 354 -0.21 -16.25 -8.93
N VAL A 355 -1.19 -15.48 -9.38
CA VAL A 355 -2.56 -15.62 -8.88
C VAL A 355 -3.08 -17.04 -9.03
N THR A 356 -4.00 -17.42 -8.14
CA THR A 356 -4.66 -18.71 -8.20
C THR A 356 -6.02 -18.57 -8.88
N GLY A 357 -6.41 -19.60 -9.62
CA GLY A 357 -7.71 -19.65 -10.30
C GLY A 357 -7.63 -19.49 -11.80
N SER A 358 -8.76 -19.72 -12.46
CA SER A 358 -8.83 -19.74 -13.93
C SER A 358 -8.80 -18.34 -14.55
N ASN A 359 -8.20 -18.27 -15.74
CA ASN A 359 -8.18 -17.05 -16.56
C ASN A 359 -9.61 -16.72 -17.01
N PRO A 360 -10.07 -15.46 -16.78
CA PRO A 360 -11.38 -15.03 -17.29
C PRO A 360 -11.53 -15.11 -18.82
N ASN A 361 -10.46 -14.76 -19.53
CA ASN A 361 -10.40 -14.92 -20.98
C ASN A 361 -10.38 -16.42 -21.33
N LYS A 362 -11.49 -16.90 -21.88
CA LYS A 362 -11.65 -18.31 -22.26
C LYS A 362 -11.12 -18.65 -23.66
N GLU A 363 -10.56 -17.65 -24.37
CA GLU A 363 -9.84 -17.88 -25.63
C GLU A 363 -8.33 -17.99 -25.35
N THR A 364 -7.99 -18.92 -24.45
CA THR A 364 -6.61 -19.12 -23.99
C THR A 364 -6.38 -20.61 -23.73
N PRO A 365 -5.11 -21.06 -23.67
CA PRO A 365 -4.81 -22.45 -23.33
C PRO A 365 -5.61 -22.97 -22.14
N CYS A 366 -6.40 -24.02 -22.36
CA CYS A 366 -7.31 -24.57 -21.36
C CYS A 366 -6.96 -26.01 -21.03
N LEU A 367 -6.18 -26.20 -19.97
CA LEU A 367 -5.76 -27.52 -19.51
C LEU A 367 -6.91 -28.20 -18.77
N GLU A 368 -7.23 -29.43 -19.18
CA GLU A 368 -8.22 -30.27 -18.50
C GLU A 368 -7.52 -31.18 -17.50
N LEU A 369 -8.08 -31.26 -16.28
CA LEU A 369 -7.51 -32.06 -15.20
C LEU A 369 -8.57 -32.94 -14.58
N GLU A 370 -8.13 -34.04 -13.96
CA GLU A 370 -9.00 -34.88 -13.15
C GLU A 370 -8.30 -35.20 -11.84
N PHE A 371 -9.00 -34.98 -10.74
CA PHE A 371 -8.51 -35.26 -9.40
C PHE A 371 -9.03 -36.60 -8.90
N ASP A 372 -8.38 -37.11 -7.86
CA ASP A 372 -8.67 -38.44 -7.33
C ASP A 372 -10.02 -38.45 -6.59
N TRP A 373 -10.72 -39.58 -6.66
CA TRP A 373 -12.04 -39.76 -6.04
C TRP A 373 -11.96 -40.82 -4.95
N PHE A 374 -12.63 -40.57 -3.82
CA PHE A 374 -12.58 -41.45 -2.65
C PHE A 374 -13.96 -41.87 -2.14
N SER A 375 -14.97 -41.84 -3.02
CA SER A 375 -16.35 -42.25 -2.72
C SER A 375 -17.03 -41.48 -1.55
N SER A 376 -16.58 -40.24 -1.32
CA SER A 376 -17.06 -39.42 -0.20
C SER A 376 -16.54 -37.99 -0.31
N VAL A 377 -17.21 -37.07 0.37
CA VAL A 377 -16.78 -35.66 0.41
C VAL A 377 -15.60 -35.56 1.39
N VAL A 378 -14.43 -35.25 0.85
CA VAL A 378 -13.20 -35.10 1.63
C VAL A 378 -13.09 -33.65 2.10
N LYS A 379 -13.23 -33.44 3.41
CA LYS A 379 -13.08 -32.10 4.00
C LYS A 379 -11.85 -32.02 4.89
N PHE A 380 -11.28 -30.81 4.98
CA PHE A 380 -10.15 -30.53 5.86
C PHE A 380 -10.68 -30.61 7.30
N PRO A 381 -9.92 -31.25 8.21
CA PRO A 381 -10.40 -31.40 9.59
C PRO A 381 -10.59 -30.06 10.28
N ASP A 382 -11.54 -30.00 11.22
CA ASP A 382 -11.83 -28.76 11.94
C ASP A 382 -10.88 -28.60 13.14
N MET A 383 -10.91 -27.41 13.74
CA MET A 383 -9.94 -27.03 14.78
C MET A 383 -9.90 -27.92 16.02
N SER A 384 -11.07 -28.37 16.49
CA SER A 384 -11.12 -29.28 17.64
C SER A 384 -10.33 -30.57 17.38
N VAL A 385 -10.46 -31.12 16.16
CA VAL A 385 -9.69 -32.29 15.72
C VAL A 385 -8.20 -31.97 15.59
N ILE A 386 -7.88 -30.77 15.09
CA ILE A 386 -6.49 -30.29 14.95
C ILE A 386 -5.84 -30.08 16.32
N GLU A 387 -6.58 -29.43 17.22
CA GLU A 387 -6.12 -29.17 18.60
C GLU A 387 -5.88 -30.46 19.38
N GLU A 388 -6.77 -31.44 19.22
CA GLU A 388 -6.66 -32.76 19.85
C GLU A 388 -5.36 -33.46 19.44
N HIS A 389 -5.08 -33.46 18.13
CA HIS A 389 -3.86 -34.06 17.58
C HIS A 389 -2.59 -33.33 18.02
N ALA A 390 -2.64 -32.00 18.08
CA ALA A 390 -1.52 -31.19 18.56
C ALA A 390 -1.18 -31.49 20.01
N ASN A 391 -2.20 -31.51 20.87
CA ASN A 391 -2.05 -31.89 22.28
C ASN A 391 -1.51 -33.32 22.46
N TRP A 392 -1.99 -34.25 21.62
CA TRP A 392 -1.45 -35.62 21.55
C TRP A 392 0.05 -35.63 21.18
N SER A 393 0.45 -34.82 20.21
CA SER A 393 1.85 -34.74 19.77
C SER A 393 2.76 -34.09 20.82
N VAL A 394 2.27 -33.01 21.43
CA VAL A 394 2.99 -32.31 22.51
C VAL A 394 3.23 -33.24 23.72
N SER A 395 2.20 -34.01 24.09
CA SER A 395 2.28 -34.95 25.20
C SER A 395 3.32 -36.04 24.95
N ARG A 396 3.22 -36.69 23.79
CA ARG A 396 4.20 -37.69 23.34
C ARG A 396 5.64 -37.17 23.37
N GLU A 397 5.87 -35.98 22.80
CA GLU A 397 7.21 -35.39 22.71
C GLU A 397 7.83 -35.09 24.08
N ALA A 398 7.01 -34.64 25.03
CA ALA A 398 7.45 -34.40 26.40
C ALA A 398 7.89 -35.68 27.14
N GLY A 399 7.34 -36.82 26.72
CA GLY A 399 7.77 -38.13 27.22
C GLY A 399 8.92 -38.82 26.48
N PHE A 400 9.56 -38.13 25.53
CA PHE A 400 10.67 -38.70 24.77
C PHE A 400 11.95 -38.76 25.59
N SER A 401 12.62 -39.91 25.52
CA SER A 401 13.91 -40.12 26.19
C SER A 401 15.02 -39.32 25.50
N TYR A 402 16.16 -39.23 26.17
CA TYR A 402 17.36 -38.57 25.61
C TYR A 402 17.72 -39.14 24.23
N SER A 403 17.70 -40.46 24.11
CA SER A 403 18.09 -41.14 22.87
C SER A 403 17.08 -40.95 21.74
N HIS A 404 15.78 -40.89 22.08
CA HIS A 404 14.74 -40.63 21.08
C HIS A 404 14.90 -39.21 20.52
N ALA A 405 14.97 -38.22 21.42
CA ALA A 405 15.23 -36.83 21.03
C ALA A 405 16.47 -36.70 20.15
N GLY A 406 17.51 -37.46 20.49
CA GLY A 406 18.75 -37.52 19.70
C GLY A 406 18.64 -37.96 18.24
N LEU A 407 17.57 -38.67 17.89
CA LEU A 407 17.32 -39.08 16.50
C LEU A 407 17.07 -37.94 15.50
N SER A 408 16.63 -36.77 15.99
CA SER A 408 16.30 -35.65 15.12
C SER A 408 16.69 -34.31 15.75
N ASN A 409 17.34 -33.45 14.95
CA ASN A 409 17.65 -32.07 15.36
C ASN A 409 16.40 -31.19 15.51
N ARG A 410 15.27 -31.64 14.98
CA ARG A 410 13.97 -30.98 15.17
C ARG A 410 13.30 -31.34 16.51
N LEU A 411 13.85 -32.31 17.24
CA LEU A 411 13.41 -32.65 18.60
C LEU A 411 14.42 -32.10 19.62
N ALA A 412 13.92 -31.65 20.76
CA ALA A 412 14.77 -31.17 21.86
C ALA A 412 14.02 -31.21 23.20
N ARG A 413 14.68 -31.73 24.22
CA ARG A 413 14.08 -31.82 25.57
C ARG A 413 14.13 -30.46 26.27
N ASP A 414 13.12 -30.21 27.11
CA ASP A 414 12.89 -28.89 27.73
C ASP A 414 14.01 -28.45 28.66
N ASN A 415 14.48 -29.36 29.51
CA ASN A 415 15.55 -29.08 30.49
C ASN A 415 16.91 -28.72 29.89
N GLU A 416 17.16 -29.19 28.66
CA GLU A 416 18.44 -28.95 27.96
C GLU A 416 18.60 -27.53 27.36
N LEU A 417 17.57 -26.69 27.42
CA LEU A 417 17.64 -25.33 26.88
C LEU A 417 18.60 -24.43 27.68
N ARG A 418 19.80 -24.22 27.14
CA ARG A 418 20.84 -23.41 27.78
C ARG A 418 20.71 -21.92 27.46
N GLU A 419 21.46 -21.10 28.19
CA GLU A 419 21.42 -19.63 28.04
C GLU A 419 22.02 -19.12 26.72
N ASN A 420 23.04 -19.82 26.21
CA ASN A 420 23.62 -19.50 24.90
C ASN A 420 22.67 -19.73 23.72
N ASP A 421 21.82 -20.76 23.83
CA ASP A 421 20.76 -21.02 22.85
C ASP A 421 19.71 -19.89 22.83
N LYS A 422 19.33 -19.43 24.02
CA LYS A 422 18.37 -18.32 24.17
C LYS A 422 18.86 -17.02 23.53
N GLU A 423 20.17 -16.78 23.59
CA GLU A 423 20.79 -15.63 22.91
C GLU A 423 20.82 -15.79 21.40
N GLN A 424 21.07 -17.00 20.92
CA GLN A 424 21.07 -17.31 19.47
C GLN A 424 19.69 -17.09 18.84
N LEU A 425 18.65 -17.54 19.54
CA LEU A 425 17.26 -17.32 19.11
C LEU A 425 16.93 -15.83 19.05
N LYS A 426 17.32 -15.11 20.10
CA LYS A 426 17.17 -13.65 20.16
C LYS A 426 17.92 -12.95 19.02
N ALA A 427 19.13 -13.41 18.73
CA ALA A 427 19.94 -12.88 17.61
C ALA A 427 19.31 -13.14 16.24
N ILE A 428 18.74 -14.33 16.06
CA ILE A 428 18.01 -14.69 14.83
C ILE A 428 16.78 -13.79 14.61
N SER A 429 16.07 -13.45 15.69
CA SER A 429 14.86 -12.61 15.59
C SER A 429 15.14 -11.18 15.12
N THR A 430 16.34 -10.66 15.41
CA THR A 430 16.74 -9.32 14.97
C THR A 430 17.19 -9.23 13.50
N ARG A 431 17.33 -10.37 12.83
CA ARG A 431 17.71 -10.38 11.41
C ARG A 431 16.55 -9.96 10.52
N ASP A 432 16.87 -9.34 9.39
CA ASP A 432 15.86 -8.83 8.45
C ASP A 432 15.15 -9.97 7.71
N PRO A 433 13.94 -9.70 7.14
CA PRO A 433 13.16 -10.74 6.42
C PRO A 433 13.84 -11.40 5.22
N LEU A 434 14.78 -10.72 4.56
CA LEU A 434 15.51 -11.28 3.41
C LEU A 434 16.75 -12.08 3.80
N SER A 435 17.14 -12.03 5.07
CA SER A 435 18.26 -12.83 5.59
C SER A 435 17.91 -14.31 5.54
N GLU A 436 18.83 -15.11 5.01
CA GLU A 436 18.63 -16.55 4.87
C GLU A 436 18.61 -17.24 6.23
N ILE A 437 17.64 -18.14 6.41
CA ILE A 437 17.56 -19.01 7.58
C ILE A 437 18.02 -20.37 7.08
N THR A 438 19.14 -20.85 7.63
CA THR A 438 19.70 -22.14 7.22
C THR A 438 18.84 -23.27 7.73
N GLU A 439 18.98 -24.44 7.11
CA GLU A 439 18.24 -25.64 7.51
C GLU A 439 18.56 -26.05 8.96
N GLN A 440 19.81 -25.80 9.38
CA GLN A 440 20.20 -25.98 10.78
C GLN A 440 19.43 -25.05 11.72
N GLU A 441 19.35 -23.77 11.37
CA GLU A 441 18.59 -22.78 12.15
C GLU A 441 17.09 -23.06 12.17
N LYS A 442 16.55 -23.59 11.08
CA LYS A 442 15.14 -23.99 11.02
C LYS A 442 14.82 -25.12 12.01
N ASP A 443 15.66 -26.16 12.00
CA ASP A 443 15.57 -27.26 12.98
C ASP A 443 15.68 -26.74 14.41
N PHE A 444 16.66 -25.86 14.63
CA PHE A 444 16.89 -25.19 15.91
C PHE A 444 15.66 -24.39 16.37
N LEU A 445 15.14 -23.54 15.49
CA LEU A 445 13.97 -22.71 15.80
C LEU A 445 12.73 -23.55 16.14
N TRP A 446 12.45 -24.55 15.29
CA TRP A 446 11.30 -25.43 15.51
C TRP A 446 11.40 -26.21 16.83
N SER A 447 12.59 -26.73 17.12
CA SER A 447 12.81 -27.50 18.35
C SER A 447 12.59 -26.68 19.62
N HIS A 448 12.89 -25.38 19.57
CA HIS A 448 12.66 -24.45 20.69
C HIS A 448 11.45 -23.53 20.49
N ARG A 449 10.44 -24.01 19.75
CA ARG A 449 9.23 -23.23 19.43
C ARG A 449 8.41 -22.76 20.64
N HIS A 450 8.50 -23.48 21.76
CA HIS A 450 7.81 -23.08 23.00
C HIS A 450 8.49 -21.90 23.68
N TYR A 451 9.83 -21.85 23.65
CA TYR A 451 10.57 -20.66 24.11
C TYR A 451 10.35 -19.44 23.20
N CYS A 452 10.14 -19.67 21.90
CA CYS A 452 9.87 -18.59 20.93
C CYS A 452 8.64 -17.73 21.27
N VAL A 453 7.71 -18.29 22.04
CA VAL A 453 6.53 -17.56 22.56
C VAL A 453 6.96 -16.35 23.43
N THR A 454 8.07 -16.48 24.15
CA THR A 454 8.58 -15.42 25.04
C THR A 454 9.31 -14.28 24.31
N ILE A 455 9.61 -14.46 23.02
CA ILE A 455 10.15 -13.40 22.15
C ILE A 455 9.29 -13.37 20.87
N PRO A 456 8.06 -12.85 20.97
CA PRO A 456 7.02 -13.04 19.94
C PRO A 456 7.29 -12.44 18.55
N GLU A 457 8.21 -11.48 18.46
CA GLU A 457 8.65 -10.94 17.16
C GLU A 457 9.38 -11.96 16.25
N ILE A 458 9.84 -13.08 16.81
CA ILE A 458 10.47 -14.16 16.03
C ILE A 458 9.48 -14.97 15.18
N LEU A 459 8.17 -14.79 15.38
CA LEU A 459 7.14 -15.60 14.69
C LEU A 459 7.32 -15.83 13.18
N PRO A 460 7.62 -14.77 12.39
CA PRO A 460 7.86 -14.97 10.95
C PRO A 460 8.98 -15.98 10.63
N LYS A 461 10.04 -15.98 11.45
CA LYS A 461 11.18 -16.89 11.27
C LYS A 461 10.79 -18.33 11.62
N LEU A 462 10.10 -18.47 12.75
CA LEU A 462 9.57 -19.76 13.19
C LEU A 462 8.64 -20.39 12.16
N LEU A 463 7.77 -19.58 11.55
CA LEU A 463 6.79 -20.08 10.58
C LEU A 463 7.42 -20.61 9.29
N LEU A 464 8.51 -19.98 8.84
CA LEU A 464 9.30 -20.48 7.72
C LEU A 464 10.20 -21.68 8.07
N SER A 465 10.38 -21.94 9.37
CA SER A 465 11.08 -23.15 9.85
C SER A 465 10.19 -24.38 9.99
N VAL A 466 8.86 -24.19 9.91
CA VAL A 466 7.89 -25.28 10.03
C VAL A 466 7.94 -26.18 8.80
N LYS A 467 7.75 -27.47 9.04
CA LYS A 467 7.56 -28.45 7.97
C LYS A 467 6.08 -28.45 7.60
N TRP A 468 5.73 -27.63 6.61
CA TRP A 468 4.33 -27.48 6.16
C TRP A 468 3.74 -28.72 5.49
N ASN A 469 4.60 -29.65 5.06
CA ASN A 469 4.16 -30.99 4.60
C ASN A 469 4.13 -32.07 5.70
N SER A 470 4.00 -31.64 6.96
CA SER A 470 3.84 -32.54 8.10
C SER A 470 2.66 -32.05 8.95
N ARG A 471 1.56 -32.82 8.98
N ARG A 471 1.57 -32.81 8.97
CA ARG A 471 0.39 -32.47 9.78
CA ARG A 471 0.39 -32.48 9.77
C ARG A 471 0.65 -32.47 11.29
C ARG A 471 0.65 -32.46 11.28
N ASP A 472 1.63 -33.25 11.73
CA ASP A 472 2.06 -33.26 13.14
C ASP A 472 2.63 -31.92 13.58
N GLU A 473 3.50 -31.35 12.76
CA GLU A 473 4.08 -30.03 13.04
C GLU A 473 3.07 -28.90 12.86
N VAL A 474 2.36 -28.90 11.73
CA VAL A 474 1.42 -27.82 11.41
C VAL A 474 0.34 -27.68 12.48
N ALA A 475 -0.22 -28.80 12.92
CA ALA A 475 -1.21 -28.83 14.01
C ALA A 475 -0.69 -28.15 15.27
N GLN A 476 0.55 -28.44 15.64
CA GLN A 476 1.21 -27.80 16.78
C GLN A 476 1.48 -26.30 16.56
N MET A 477 1.82 -25.92 15.33
CA MET A 477 2.00 -24.51 14.97
C MET A 477 0.70 -23.73 15.11
N TYR A 478 -0.40 -24.29 14.61
CA TYR A 478 -1.75 -23.71 14.76
C TYR A 478 -2.11 -23.36 16.21
N CYS A 479 -1.84 -24.29 17.13
CA CYS A 479 -2.11 -24.07 18.55
C CYS A 479 -1.21 -23.01 19.18
N LEU A 480 0.04 -22.94 18.73
CA LEU A 480 0.94 -21.84 19.12
C LEU A 480 0.48 -20.49 18.57
N VAL A 481 0.09 -20.46 17.30
CA VAL A 481 -0.45 -19.23 16.66
C VAL A 481 -1.74 -18.77 17.35
N LYS A 482 -2.61 -19.73 17.71
CA LYS A 482 -3.87 -19.44 18.42
C LYS A 482 -3.65 -18.61 19.69
N ASP A 483 -2.64 -18.98 20.49
CA ASP A 483 -2.32 -18.30 21.75
C ASP A 483 -1.09 -17.37 21.65
N TRP A 484 -0.67 -16.99 20.45
CA TRP A 484 0.58 -16.24 20.27
C TRP A 484 0.38 -14.80 20.76
N PRO A 485 1.37 -14.24 21.51
CA PRO A 485 1.24 -12.85 21.98
C PRO A 485 1.12 -11.82 20.86
N PRO A 486 0.49 -10.66 21.14
CA PRO A 486 0.35 -9.65 20.09
C PRO A 486 1.69 -9.03 19.70
N ILE A 487 1.89 -8.85 18.39
CA ILE A 487 3.06 -8.13 17.86
C ILE A 487 2.59 -6.82 17.22
N LYS A 488 3.52 -5.92 16.98
CA LYS A 488 3.18 -4.58 16.45
C LYS A 488 2.63 -4.69 15.03
N PRO A 489 1.68 -3.78 14.64
CA PRO A 489 1.08 -3.84 13.30
C PRO A 489 2.07 -3.97 12.14
N GLU A 490 3.19 -3.26 12.22
CA GLU A 490 4.22 -3.29 11.19
C GLU A 490 4.87 -4.67 11.06
N GLN A 491 5.05 -5.35 12.19
CA GLN A 491 5.56 -6.73 12.22
C GLN A 491 4.50 -7.72 11.72
N ALA A 492 3.25 -7.52 12.14
CA ALA A 492 2.12 -8.32 11.65
C ALA A 492 1.90 -8.23 10.14
N MET A 493 2.19 -7.07 9.55
CA MET A 493 2.03 -6.84 8.11
C MET A 493 2.85 -7.78 7.22
N GLU A 494 4.04 -8.16 7.69
CA GLU A 494 4.88 -9.16 6.99
C GLU A 494 4.14 -10.49 6.79
N LEU A 495 3.35 -10.89 7.77
CA LEU A 495 2.62 -12.17 7.73
C LEU A 495 1.42 -12.18 6.77
N LEU A 496 1.15 -11.07 6.09
CA LEU A 496 0.16 -11.02 5.01
C LEU A 496 0.77 -11.05 3.60
N ASP A 497 2.10 -11.09 3.48
CA ASP A 497 2.73 -11.17 2.15
C ASP A 497 2.69 -12.62 1.59
N CYS A 498 3.36 -12.83 0.45
CA CYS A 498 3.27 -14.11 -0.28
C CYS A 498 4.00 -15.29 0.36
N ASN A 499 4.88 -15.03 1.33
CA ASN A 499 5.53 -16.08 2.13
C ASN A 499 4.63 -16.75 3.19
N TYR A 500 3.43 -16.20 3.44
CA TYR A 500 2.57 -16.67 4.54
C TYR A 500 1.13 -16.87 4.07
N PRO A 501 0.87 -17.98 3.36
CA PRO A 501 -0.46 -18.28 2.79
C PRO A 501 -1.47 -18.90 3.77
N ASP A 502 -0.99 -19.47 4.89
CA ASP A 502 -1.86 -20.17 5.83
C ASP A 502 -2.90 -19.26 6.48
N PRO A 503 -4.20 -19.67 6.49
CA PRO A 503 -5.26 -18.78 7.01
C PRO A 503 -5.22 -18.51 8.52
N MET A 504 -4.62 -19.41 9.31
CA MET A 504 -4.44 -19.17 10.75
C MET A 504 -3.37 -18.12 11.02
N VAL A 505 -2.28 -18.18 10.26
CA VAL A 505 -1.21 -17.19 10.33
C VAL A 505 -1.74 -15.83 9.94
N ARG A 506 -2.44 -15.78 8.81
CA ARG A 506 -2.99 -14.53 8.28
C ARG A 506 -4.12 -13.98 9.17
N GLY A 507 -4.89 -14.88 9.78
CA GLY A 507 -5.89 -14.52 10.78
C GLY A 507 -5.28 -13.86 12.02
N PHE A 508 -4.17 -14.42 12.50
CA PHE A 508 -3.43 -13.80 13.61
C PHE A 508 -2.96 -12.38 13.26
N ALA A 509 -2.39 -12.23 12.08
CA ALA A 509 -1.93 -10.92 11.59
C ALA A 509 -3.07 -9.90 11.56
N VAL A 510 -4.23 -10.31 11.05
CA VAL A 510 -5.41 -9.41 10.98
C VAL A 510 -5.90 -9.01 12.37
N ARG A 511 -5.91 -9.96 13.31
CA ARG A 511 -6.24 -9.67 14.71
C ARG A 511 -5.29 -8.65 15.37
N CYS A 512 -4.00 -8.69 15.00
CA CYS A 512 -3.06 -7.67 15.44
C CYS A 512 -3.38 -6.29 14.87
N LEU A 513 -3.80 -6.23 13.60
CA LEU A 513 -4.20 -4.97 12.97
C LEU A 513 -5.49 -4.41 13.58
N GLU A 514 -6.48 -5.27 13.76
CA GLU A 514 -7.75 -4.90 14.41
C GLU A 514 -7.55 -4.29 15.79
N LYS A 515 -6.64 -4.87 16.57
CA LYS A 515 -6.36 -4.43 17.93
C LYS A 515 -5.45 -3.19 18.00
N TYR A 516 -4.41 -3.14 17.15
CA TYR A 516 -3.34 -2.13 17.28
C TYR A 516 -3.15 -1.12 16.15
N LEU A 517 -3.73 -1.33 14.98
CA LEU A 517 -3.50 -0.43 13.83
C LEU A 517 -4.44 0.76 13.94
N THR A 518 -3.87 1.96 14.06
CA THR A 518 -4.66 3.19 14.08
C THR A 518 -5.12 3.54 12.67
N ASP A 519 -6.20 4.32 12.59
CA ASP A 519 -6.72 4.83 11.30
C ASP A 519 -5.67 5.64 10.52
N ASP A 520 -4.82 6.36 11.24
CA ASP A 520 -3.68 7.06 10.65
C ASP A 520 -2.73 6.10 9.93
N LYS A 521 -2.26 5.08 10.65
CA LYS A 521 -1.34 4.08 10.09
C LYS A 521 -2.02 3.19 9.04
N LEU A 522 -3.30 2.92 9.19
CA LEU A 522 -4.06 2.18 8.17
C LEU A 522 -4.10 2.95 6.84
N SER A 523 -4.43 4.24 6.92
CA SER A 523 -4.38 5.14 5.75
C SER A 523 -2.98 5.14 5.10
N GLN A 524 -1.95 5.22 5.93
CA GLN A 524 -0.56 5.22 5.45
C GLN A 524 -0.18 3.93 4.71
N TYR A 525 -0.59 2.78 5.25
CA TYR A 525 -0.24 1.47 4.69
C TYR A 525 -1.36 0.83 3.84
N LEU A 526 -2.33 1.64 3.39
CA LEU A 526 -3.48 1.12 2.67
C LEU A 526 -3.13 0.48 1.34
N ILE A 527 -2.18 1.06 0.60
CA ILE A 527 -1.74 0.49 -0.68
C ILE A 527 -1.17 -0.93 -0.52
N GLN A 528 -0.38 -1.16 0.52
CA GLN A 528 0.18 -2.50 0.79
C GLN A 528 -0.92 -3.48 1.15
N LEU A 529 -1.81 -3.05 2.04
CA LEU A 529 -2.92 -3.90 2.52
C LEU A 529 -3.90 -4.27 1.43
N VAL A 530 -4.14 -3.35 0.49
CA VAL A 530 -4.93 -3.66 -0.71
C VAL A 530 -4.19 -4.68 -1.59
N GLN A 531 -2.88 -4.52 -1.79
CA GLN A 531 -2.10 -5.44 -2.63
C GLN A 531 -2.07 -6.88 -2.12
N VAL A 532 -1.92 -7.05 -0.81
CA VAL A 532 -1.86 -8.39 -0.20
C VAL A 532 -3.21 -9.15 -0.18
N LEU A 533 -4.32 -8.47 -0.47
CA LEU A 533 -5.59 -9.14 -0.82
C LEU A 533 -5.47 -10.14 -1.99
N LYS A 534 -4.54 -9.89 -2.91
N LYS A 534 -4.49 -9.93 -2.87
CA LYS A 534 -4.32 -10.74 -4.07
CA LYS A 534 -4.20 -10.83 -3.98
C LYS A 534 -3.76 -12.12 -3.69
C LYS A 534 -3.61 -12.20 -3.56
N TYR A 535 -3.04 -12.17 -2.58
N TYR A 535 -3.04 -12.29 -2.35
CA TYR A 535 -2.45 -13.43 -2.10
CA TYR A 535 -2.37 -13.53 -1.88
C TYR A 535 -3.48 -14.32 -1.39
C TYR A 535 -3.22 -14.21 -0.81
N GLU A 536 -4.61 -13.73 -0.98
N GLU A 536 -4.50 -13.83 -0.86
CA GLU A 536 -5.65 -14.50 -0.31
CA GLU A 536 -5.59 -14.55 -0.23
C GLU A 536 -6.15 -15.62 -1.23
C GLU A 536 -6.10 -15.62 -1.20
N GLN A 537 -6.23 -16.83 -0.70
CA GLN A 537 -6.75 -17.98 -1.45
C GLN A 537 -8.19 -17.77 -1.93
N TYR A 538 -9.01 -17.20 -1.07
CA TYR A 538 -10.46 -17.08 -1.27
C TYR A 538 -10.94 -15.64 -1.23
N LEU A 539 -12.15 -15.44 -1.76
CA LEU A 539 -12.77 -14.11 -1.81
C LEU A 539 -13.18 -13.64 -0.42
N ASP A 540 -13.80 -14.53 0.34
CA ASP A 540 -14.18 -14.26 1.72
C ASP A 540 -13.03 -14.67 2.65
N ASN A 541 -12.50 -13.69 3.38
CA ASN A 541 -11.40 -13.91 4.32
C ASN A 541 -11.42 -12.81 5.38
N LEU A 542 -10.58 -12.98 6.41
CA LEU A 542 -10.53 -12.03 7.51
C LEU A 542 -9.94 -10.66 7.13
N LEU A 543 -8.97 -10.64 6.22
CA LEU A 543 -8.35 -9.38 5.80
C LEU A 543 -9.33 -8.46 5.09
N VAL A 544 -10.03 -9.01 4.10
CA VAL A 544 -10.97 -8.22 3.29
C VAL A 544 -12.16 -7.70 4.12
N ARG A 545 -12.57 -8.47 5.13
CA ARG A 545 -13.63 -8.07 6.05
C ARG A 545 -13.20 -6.91 6.94
N PHE A 546 -11.97 -6.99 7.46
CA PHE A 546 -11.37 -5.90 8.23
C PHE A 546 -11.24 -4.61 7.41
N LEU A 547 -10.70 -4.73 6.20
CA LEU A 547 -10.51 -3.56 5.32
C LEU A 547 -11.82 -2.93 4.89
N LEU A 548 -12.81 -3.77 4.54
CA LEU A 548 -14.12 -3.26 4.13
C LEU A 548 -14.84 -2.52 5.26
N LYS A 549 -14.76 -3.06 6.48
CA LYS A 549 -15.38 -2.43 7.66
C LYS A 549 -14.78 -1.06 7.95
N LYS A 550 -13.45 -0.97 7.90
CA LYS A 550 -12.76 0.31 8.08
C LYS A 550 -13.10 1.31 6.96
N ALA A 551 -13.15 0.84 5.72
CA ALA A 551 -13.60 1.66 4.58
C ALA A 551 -15.03 2.17 4.74
N LEU A 552 -15.90 1.37 5.35
CA LEU A 552 -17.31 1.73 5.56
C LEU A 552 -17.62 2.45 6.88
N THR A 553 -16.62 2.56 7.77
CA THR A 553 -16.73 3.35 9.02
C THR A 553 -15.77 4.55 9.06
N ASN A 554 -15.08 4.82 7.96
CA ASN A 554 -14.16 5.96 7.85
C ASN A 554 -14.05 6.34 6.38
N GLN A 555 -14.71 7.44 6.01
CA GLN A 555 -14.81 7.86 4.60
C GLN A 555 -13.48 8.30 3.96
N ARG A 556 -12.50 8.73 4.76
N ARG A 556 -12.50 8.72 4.76
CA ARG A 556 -11.16 9.03 4.26
CA ARG A 556 -11.16 9.04 4.25
C ARG A 556 -10.43 7.76 3.83
C ARG A 556 -10.43 7.77 3.83
N ILE A 557 -10.56 6.70 4.63
CA ILE A 557 -10.06 5.37 4.26
C ILE A 557 -10.85 4.82 3.07
N GLY A 558 -12.18 4.90 3.14
CA GLY A 558 -13.07 4.44 2.07
C GLY A 558 -12.79 5.04 0.70
N HIS A 559 -12.45 6.32 0.68
CA HIS A 559 -12.15 7.04 -0.55
C HIS A 559 -10.96 6.43 -1.31
N PHE A 560 -9.84 6.27 -0.60
CA PHE A 560 -8.64 5.68 -1.21
C PHE A 560 -8.77 4.17 -1.42
N PHE A 561 -9.49 3.50 -0.53
CA PHE A 561 -9.89 2.10 -0.69
C PHE A 561 -10.54 1.90 -2.06
N PHE A 562 -11.55 2.71 -2.35
CA PHE A 562 -12.25 2.71 -3.66
C PHE A 562 -11.30 2.91 -4.84
N TRP A 563 -10.48 3.96 -4.76
CA TRP A 563 -9.59 4.33 -5.87
C TRP A 563 -8.45 3.35 -6.11
N HIS A 564 -7.88 2.78 -5.05
CA HIS A 564 -6.86 1.74 -5.21
C HIS A 564 -7.43 0.50 -5.89
N LEU A 565 -8.65 0.10 -5.51
CA LEU A 565 -9.34 -1.02 -6.17
C LEU A 565 -9.75 -0.69 -7.60
N LYS A 566 -10.36 0.48 -7.80
CA LYS A 566 -10.84 0.90 -9.11
C LYS A 566 -9.70 1.05 -10.12
N SER A 567 -8.55 1.53 -9.65
CA SER A 567 -7.38 1.73 -10.51
C SER A 567 -6.83 0.45 -11.17
N GLU A 568 -7.14 -0.71 -10.60
CA GLU A 568 -6.71 -2.01 -11.13
C GLU A 568 -7.81 -2.90 -11.72
N MET A 569 -8.96 -2.31 -12.03
CA MET A 569 -10.08 -3.07 -12.63
C MET A 569 -9.80 -3.53 -14.08
N HIS A 570 -8.85 -2.87 -14.74
CA HIS A 570 -8.31 -3.33 -16.03
C HIS A 570 -7.53 -4.66 -15.93
N ASN A 571 -6.87 -4.89 -14.79
CA ASN A 571 -6.09 -6.10 -14.55
C ASN A 571 -7.00 -7.30 -14.30
N LYS A 572 -7.03 -8.23 -15.25
CA LYS A 572 -7.91 -9.41 -15.21
C LYS A 572 -7.48 -10.46 -14.18
N THR A 573 -6.25 -10.36 -13.69
CA THR A 573 -5.78 -11.12 -12.53
C THR A 573 -6.64 -10.89 -11.27
N VAL A 574 -7.15 -9.66 -11.12
CA VAL A 574 -7.86 -9.25 -9.90
C VAL A 574 -9.22 -8.57 -10.10
N SER A 575 -9.68 -8.44 -11.35
CA SER A 575 -10.86 -7.62 -11.65
C SER A 575 -12.14 -8.18 -11.04
N GLN A 576 -12.26 -9.51 -10.94
CA GLN A 576 -13.42 -10.13 -10.29
C GLN A 576 -13.41 -9.87 -8.79
N ARG A 577 -12.29 -10.15 -8.13
CA ARG A 577 -12.15 -9.93 -6.70
C ARG A 577 -12.39 -8.47 -6.33
N PHE A 578 -11.71 -7.57 -7.04
CA PHE A 578 -11.80 -6.13 -6.76
C PHE A 578 -13.18 -5.58 -7.14
N GLY A 579 -13.74 -6.07 -8.25
CA GLY A 579 -15.09 -5.72 -8.68
C GLY A 579 -16.18 -6.07 -7.69
N LEU A 580 -16.12 -7.28 -7.14
CA LEU A 580 -17.06 -7.76 -6.13
C LEU A 580 -16.89 -7.01 -4.81
N LEU A 581 -15.64 -6.74 -4.44
CA LEU A 581 -15.34 -5.93 -3.27
C LEU A 581 -15.88 -4.51 -3.41
N LEU A 582 -15.66 -3.91 -4.59
CA LEU A 582 -16.21 -2.58 -4.89
C LEU A 582 -17.74 -2.53 -4.83
N GLU A 583 -18.40 -3.59 -5.32
CA GLU A 583 -19.87 -3.68 -5.23
C GLU A 583 -20.33 -3.57 -3.79
N SER A 584 -19.75 -4.38 -2.91
CA SER A 584 -20.09 -4.37 -1.49
C SER A 584 -19.81 -3.02 -0.81
N TYR A 585 -18.73 -2.37 -1.22
CA TYR A 585 -18.42 -1.01 -0.75
C TYR A 585 -19.47 -0.01 -1.21
N CYS A 586 -19.79 -0.04 -2.50
CA CYS A 586 -20.72 0.95 -3.09
C CYS A 586 -22.16 0.81 -2.61
N ARG A 587 -22.58 -0.40 -2.22
CA ARG A 587 -23.90 -0.61 -1.61
C ARG A 587 -24.04 0.01 -0.22
N ALA A 588 -22.94 0.04 0.55
CA ALA A 588 -22.96 0.43 1.96
C ALA A 588 -22.31 1.76 2.29
N CYS A 589 -21.58 2.38 1.34
CA CYS A 589 -20.84 3.62 1.64
C CYS A 589 -21.74 4.86 1.82
N GLY A 590 -22.98 4.77 1.38
CA GLY A 590 -23.98 5.81 1.60
C GLY A 590 -23.93 6.87 0.50
N MET A 591 -24.14 8.12 0.90
CA MET A 591 -24.19 9.26 -0.02
C MET A 591 -22.90 9.45 -0.84
N TYR A 592 -21.76 9.03 -0.30
CA TYR A 592 -20.47 9.22 -0.98
C TYR A 592 -20.36 8.53 -2.34
N LEU A 593 -21.15 7.48 -2.58
CA LEU A 593 -21.26 6.85 -3.92
C LEU A 593 -21.51 7.88 -5.01
N LYS A 594 -22.48 8.76 -4.77
CA LYS A 594 -22.83 9.82 -5.72
C LYS A 594 -21.68 10.81 -5.93
N HIS A 595 -20.97 11.15 -4.86
CA HIS A 595 -19.78 12.01 -4.95
C HIS A 595 -18.64 11.28 -5.66
N LEU A 596 -18.48 9.98 -5.41
CA LEU A 596 -17.50 9.17 -6.15
C LEU A 596 -17.82 9.16 -7.65
N ASN A 597 -19.09 9.01 -8.01
CA ASN A 597 -19.50 9.03 -9.41
C ASN A 597 -19.23 10.34 -10.14
N ARG A 598 -19.21 11.46 -9.42
CA ARG A 598 -18.76 12.76 -9.97
C ARG A 598 -17.28 12.70 -10.34
N GLN A 599 -16.47 12.11 -9.45
CA GLN A 599 -15.03 11.98 -9.68
C GLN A 599 -14.76 11.02 -10.84
N VAL A 600 -15.46 9.89 -10.85
CA VAL A 600 -15.33 8.88 -11.90
C VAL A 600 -15.63 9.47 -13.28
N GLU A 601 -16.75 10.20 -13.39
CA GLU A 601 -17.10 10.84 -14.65
C GLU A 601 -16.10 11.93 -15.05
N ALA A 602 -15.66 12.75 -14.10
CA ALA A 602 -14.62 13.75 -14.35
C ALA A 602 -13.34 13.11 -14.91
N MET A 603 -12.91 12.01 -14.28
CA MET A 603 -11.71 11.29 -14.72
C MET A 603 -11.88 10.64 -16.10
N GLU A 604 -13.06 10.08 -16.36
N GLU A 604 -13.06 10.08 -16.37
CA GLU A 604 -13.35 9.46 -17.64
CA GLU A 604 -13.33 9.44 -17.67
C GLU A 604 -13.32 10.46 -18.80
C GLU A 604 -13.34 10.45 -18.81
N LYS A 605 -13.83 11.68 -18.56
CA LYS A 605 -13.79 12.75 -19.56
C LYS A 605 -12.34 13.19 -19.85
N LEU A 606 -11.50 13.24 -18.81
CA LEU A 606 -10.08 13.58 -18.99
C LEU A 606 -9.29 12.49 -19.69
N ILE A 607 -9.61 11.22 -19.40
CA ILE A 607 -9.05 10.08 -20.13
C ILE A 607 -9.42 10.16 -21.62
N ASN A 608 -10.70 10.39 -21.89
CA ASN A 608 -11.19 10.50 -23.28
C ASN A 608 -10.50 11.62 -24.07
N LEU A 609 -10.34 12.79 -23.45
CA LEU A 609 -9.70 13.93 -24.12
C LEU A 609 -8.21 13.73 -24.37
N THR A 610 -7.50 13.21 -23.37
CA THR A 610 -6.06 12.94 -23.50
C THR A 610 -5.75 11.80 -24.49
N ASP A 611 -6.65 10.80 -24.57
CA ASP A 611 -6.52 9.72 -25.56
C ASP A 611 -6.65 10.23 -26.99
N ILE A 612 -7.53 11.21 -27.22
CA ILE A 612 -7.69 11.84 -28.54
C ILE A 612 -6.44 12.67 -28.90
N LEU A 613 -5.94 13.45 -27.95
CA LEU A 613 -4.70 14.21 -28.15
C LEU A 613 -3.48 13.32 -28.41
N LYS A 614 -3.44 12.16 -27.73
CA LYS A 614 -2.36 11.18 -27.92
C LYS A 614 -2.42 10.44 -29.27
N GLN A 615 -3.63 10.13 -29.74
CA GLN A 615 -3.82 9.29 -30.92
C GLN A 615 -4.10 10.12 -32.18
N GLU A 616 -5.11 10.99 -32.12
CA GLU A 616 -5.55 11.75 -33.29
C GLU A 616 -4.66 12.96 -33.58
N LYS A 617 -4.48 13.83 -32.58
CA LYS A 617 -3.85 15.15 -32.78
C LYS A 617 -2.49 15.31 -32.08
N LYS A 618 -1.72 14.23 -32.02
CA LYS A 618 -0.39 14.23 -31.39
C LYS A 618 0.66 15.11 -32.09
N ASP A 619 0.56 15.21 -33.41
CA ASP A 619 1.56 15.92 -34.23
C ASP A 619 1.38 17.45 -34.28
N GLU A 620 0.20 17.94 -33.85
CA GLU A 620 -0.16 19.36 -33.99
C GLU A 620 0.53 20.21 -32.91
N THR A 621 0.54 21.53 -33.12
CA THR A 621 1.21 22.46 -32.20
C THR A 621 0.45 22.64 -30.88
N GLN A 622 1.16 23.23 -29.92
CA GLN A 622 0.61 23.59 -28.60
C GLN A 622 -0.63 24.48 -28.73
N LYS A 623 -0.57 25.44 -29.64
CA LYS A 623 -1.65 26.42 -29.86
C LYS A 623 -2.94 25.77 -30.38
N VAL A 624 -2.81 24.88 -31.37
CA VAL A 624 -3.95 24.19 -31.98
C VAL A 624 -4.53 23.13 -31.05
N GLN A 625 -3.68 22.39 -30.35
CA GLN A 625 -4.13 21.41 -29.35
C GLN A 625 -4.92 22.06 -28.22
N MET A 626 -4.44 23.22 -27.76
CA MET A 626 -5.14 24.02 -26.74
C MET A 626 -6.50 24.55 -27.22
N LYS A 627 -6.58 24.92 -28.50
CA LYS A 627 -7.85 25.34 -29.12
C LYS A 627 -8.86 24.19 -29.15
N PHE A 628 -8.40 23.01 -29.54
CA PHE A 628 -9.23 21.79 -29.51
C PHE A 628 -9.67 21.45 -28.08
N LEU A 629 -8.74 21.50 -27.15
CA LEU A 629 -9.00 21.15 -25.73
C LEU A 629 -10.01 22.08 -25.08
N VAL A 630 -9.83 23.39 -25.27
CA VAL A 630 -10.76 24.42 -24.75
C VAL A 630 -12.16 24.31 -25.35
N GLU A 631 -12.24 23.99 -26.65
CA GLU A 631 -13.52 23.78 -27.33
C GLU A 631 -14.28 22.57 -26.79
N GLN A 632 -13.57 21.45 -26.61
CA GLN A 632 -14.17 20.23 -26.08
C GLN A 632 -14.59 20.33 -24.61
N MET A 633 -13.77 20.99 -23.80
CA MET A 633 -14.07 21.18 -22.38
C MET A 633 -15.27 22.13 -22.14
N ARG A 634 -15.43 23.11 -23.03
CA ARG A 634 -16.56 24.06 -22.96
C ARG A 634 -17.90 23.51 -23.45
N ARG A 635 -17.91 22.28 -23.98
CA ARG A 635 -19.16 21.58 -24.30
C ARG A 635 -19.98 21.37 -23.03
N PRO A 636 -21.32 21.49 -23.14
CA PRO A 636 -22.24 21.54 -21.97
C PRO A 636 -22.10 20.33 -21.03
N ASP A 637 -21.98 19.15 -21.62
CA ASP A 637 -21.87 17.88 -20.88
C ASP A 637 -20.49 17.70 -20.23
N PHE A 638 -19.45 18.06 -20.98
CA PHE A 638 -18.07 18.01 -20.49
C PHE A 638 -17.81 19.01 -19.36
N MET A 639 -18.30 20.23 -19.54
CA MET A 639 -18.03 21.32 -18.60
C MET A 639 -18.65 21.08 -17.22
N ASP A 640 -19.88 20.57 -17.19
CA ASP A 640 -20.50 20.17 -15.93
C ASP A 640 -19.75 19.00 -15.28
N ALA A 641 -19.33 18.04 -16.09
CA ALA A 641 -18.57 16.87 -15.60
C ALA A 641 -17.20 17.23 -15.02
N LEU A 642 -16.55 18.25 -15.57
CA LEU A 642 -15.20 18.67 -15.13
C LEU A 642 -15.15 19.79 -14.11
N GLN A 643 -16.31 20.16 -13.56
CA GLN A 643 -16.42 21.18 -12.51
C GLN A 643 -17.29 20.70 -11.36
N GLY A 644 -17.07 21.26 -10.17
CA GLY A 644 -17.91 21.00 -9.01
C GLY A 644 -17.85 19.58 -8.49
N PHE A 645 -16.64 19.12 -8.15
CA PHE A 645 -16.44 17.79 -7.54
C PHE A 645 -15.25 17.80 -6.58
N LEU A 646 -15.07 16.69 -5.87
CA LEU A 646 -13.98 16.56 -4.89
C LEU A 646 -12.73 15.99 -5.55
N SER A 647 -11.57 16.53 -5.17
CA SER A 647 -10.28 16.05 -5.68
C SER A 647 -10.04 14.60 -5.24
N PRO A 648 -9.76 13.68 -6.21
CA PRO A 648 -9.36 12.33 -5.78
C PRO A 648 -8.04 12.28 -5.01
N LEU A 649 -7.15 13.25 -5.21
CA LEU A 649 -5.91 13.34 -4.43
C LEU A 649 -6.16 13.62 -2.95
N ASN A 650 -7.21 14.40 -2.67
CA ASN A 650 -7.60 14.72 -1.30
C ASN A 650 -9.05 15.18 -1.31
N PRO A 651 -9.99 14.31 -0.87
CA PRO A 651 -11.41 14.66 -0.95
C PRO A 651 -11.89 15.81 -0.05
N ALA A 652 -11.06 16.25 0.90
CA ALA A 652 -11.31 17.51 1.63
C ALA A 652 -11.20 18.76 0.75
N HIS A 653 -10.48 18.66 -0.38
CA HIS A 653 -10.36 19.76 -1.34
C HIS A 653 -11.51 19.75 -2.36
N GLN A 654 -12.37 20.77 -2.31
CA GLN A 654 -13.42 20.97 -3.32
C GLN A 654 -12.85 21.62 -4.58
N LEU A 655 -13.14 21.04 -5.74
CA LEU A 655 -12.78 21.62 -7.03
C LEU A 655 -14.02 22.28 -7.65
N GLY A 656 -14.00 23.61 -7.71
CA GLY A 656 -15.13 24.39 -8.22
C GLY A 656 -15.06 24.56 -9.72
N ASN A 657 -15.11 25.81 -10.18
CA ASN A 657 -15.07 26.11 -11.62
C ASN A 657 -13.66 25.95 -12.18
N LEU A 658 -13.58 25.46 -13.41
CA LEU A 658 -12.32 25.33 -14.16
C LEU A 658 -11.90 26.71 -14.62
N ARG A 659 -10.67 27.10 -14.28
CA ARG A 659 -10.02 28.26 -14.88
C ARG A 659 -9.28 27.80 -16.13
N LEU A 660 -10.02 27.69 -17.24
CA LEU A 660 -9.48 27.23 -18.53
C LEU A 660 -8.33 28.08 -19.07
N GLU A 661 -8.35 29.37 -18.75
CA GLU A 661 -7.23 30.28 -19.07
C GLU A 661 -5.89 29.85 -18.42
N GLU A 662 -5.97 29.29 -17.22
CA GLU A 662 -4.79 28.78 -16.49
C GLU A 662 -4.41 27.33 -16.80
N CYS A 663 -5.28 26.60 -17.52
CA CYS A 663 -4.99 25.22 -17.92
C CYS A 663 -3.98 25.17 -19.08
N ARG A 664 -3.12 24.17 -19.06
CA ARG A 664 -2.05 24.03 -20.05
C ARG A 664 -1.81 22.56 -20.41
N ILE A 665 -1.51 22.30 -21.68
CA ILE A 665 -0.86 21.05 -22.09
C ILE A 665 0.65 21.26 -21.99
N MET A 666 1.34 20.39 -21.26
CA MET A 666 2.80 20.49 -21.08
C MET A 666 3.54 19.74 -22.18
N SER A 667 4.77 20.17 -22.45
CA SER A 667 5.59 19.63 -23.56
C SER A 667 6.37 18.34 -23.25
N SER A 668 6.35 17.89 -22.00
CA SER A 668 7.11 16.70 -21.57
C SER A 668 6.54 15.38 -22.13
N ALA A 669 7.19 14.28 -21.77
CA ALA A 669 6.77 12.92 -22.18
C ALA A 669 5.32 12.63 -21.78
N LYS A 670 4.54 12.10 -22.73
CA LYS A 670 3.10 11.80 -22.59
C LYS A 670 2.14 13.01 -22.58
N ARG A 671 2.69 14.23 -22.49
CA ARG A 671 1.93 15.47 -22.64
C ARG A 671 0.82 15.64 -21.59
N PRO A 672 1.23 15.82 -20.31
CA PRO A 672 0.25 15.91 -19.22
C PRO A 672 -0.50 17.24 -19.20
N LEU A 673 -1.74 17.19 -18.70
CA LEU A 673 -2.56 18.39 -18.57
C LEU A 673 -2.30 19.02 -17.22
N TRP A 674 -1.91 20.29 -17.25
CA TRP A 674 -1.87 21.14 -16.07
C TRP A 674 -3.26 21.74 -15.94
N LEU A 675 -3.99 21.34 -14.91
CA LEU A 675 -5.38 21.76 -14.71
C LEU A 675 -5.49 22.65 -13.48
N ASN A 676 -6.44 23.59 -13.53
CA ASN A 676 -6.59 24.62 -12.51
C ASN A 676 -8.06 24.86 -12.20
N TRP A 677 -8.45 24.62 -10.95
CA TRP A 677 -9.81 24.87 -10.48
C TRP A 677 -9.81 25.94 -9.41
N GLU A 678 -10.89 26.71 -9.35
CA GLU A 678 -11.17 27.57 -8.19
C GLU A 678 -11.50 26.71 -6.99
N ASN A 679 -10.96 27.08 -5.83
CA ASN A 679 -11.41 26.56 -4.55
C ASN A 679 -12.65 27.35 -4.13
N PRO A 680 -13.85 26.72 -4.15
CA PRO A 680 -15.07 27.45 -3.83
C PRO A 680 -15.32 27.67 -2.33
N ASP A 681 -14.43 27.17 -1.47
CA ASP A 681 -14.53 27.39 -0.02
C ASP A 681 -14.59 28.89 0.30
N ILE A 682 -15.42 29.24 1.29
CA ILE A 682 -15.68 30.65 1.64
C ILE A 682 -14.39 31.36 2.05
N MET A 683 -13.48 30.64 2.72
CA MET A 683 -12.21 31.18 3.18
C MET A 683 -11.04 30.55 2.44
N SER A 684 -11.14 30.52 1.12
CA SER A 684 -10.13 29.91 0.25
C SER A 684 -8.78 30.65 0.28
N GLU A 685 -8.85 31.99 0.31
CA GLU A 685 -7.65 32.85 0.43
C GLU A 685 -6.69 32.49 1.57
N LEU A 686 -7.22 31.99 2.68
CA LEU A 686 -6.41 31.58 3.83
C LEU A 686 -5.63 30.25 3.65
N LEU A 687 -5.97 29.45 2.63
CA LEU A 687 -5.26 28.22 2.32
C LEU A 687 -4.72 28.25 0.88
N PHE A 688 -5.62 28.25 -0.10
CA PHE A 688 -5.27 28.50 -1.51
C PHE A 688 -6.52 28.77 -2.33
N GLN A 689 -6.48 29.83 -3.14
CA GLN A 689 -7.62 30.21 -3.99
C GLN A 689 -7.78 29.29 -5.20
N ASN A 690 -6.67 28.71 -5.66
CA ASN A 690 -6.67 27.80 -6.81
C ASN A 690 -6.03 26.47 -6.48
N ASN A 691 -6.68 25.39 -6.91
CA ASN A 691 -6.16 24.03 -6.77
C ASN A 691 -5.65 23.54 -8.12
N GLU A 692 -4.33 23.34 -8.21
CA GLU A 692 -3.66 22.93 -9.44
C GLU A 692 -3.27 21.46 -9.36
N ILE A 693 -3.72 20.67 -10.34
CA ILE A 693 -3.43 19.23 -10.41
C ILE A 693 -2.91 18.93 -11.81
N ILE A 694 -1.91 18.05 -11.88
CA ILE A 694 -1.40 17.51 -13.13
C ILE A 694 -2.13 16.20 -13.40
N PHE A 695 -2.80 16.11 -14.55
CA PHE A 695 -3.39 14.86 -15.03
C PHE A 695 -2.46 14.30 -16.09
N LYS A 696 -2.00 13.06 -15.87
CA LYS A 696 -1.01 12.43 -16.73
C LYS A 696 -1.56 11.10 -17.22
N ASN A 697 -1.53 10.90 -18.54
CA ASN A 697 -2.04 9.69 -19.20
C ASN A 697 -0.94 9.08 -20.06
N GLY A 698 -0.46 7.90 -19.68
CA GLY A 698 0.54 7.15 -20.47
C GLY A 698 1.63 6.48 -19.67
N ASP A 699 1.97 7.05 -18.51
CA ASP A 699 3.01 6.50 -17.64
C ASP A 699 2.42 5.78 -16.42
N ASP A 700 3.14 4.76 -15.96
CA ASP A 700 2.78 4.03 -14.76
C ASP A 700 3.18 4.89 -13.55
N LEU A 701 2.22 5.20 -12.69
CA LEU A 701 2.45 6.05 -11.51
C LEU A 701 2.51 5.30 -10.18
N ARG A 702 2.38 3.97 -10.22
CA ARG A 702 2.41 3.14 -9.00
C ARG A 702 3.78 3.16 -8.33
N GLN A 703 4.83 3.27 -9.15
CA GLN A 703 6.21 3.36 -8.66
C GLN A 703 6.40 4.65 -7.85
N ASP A 704 5.91 5.75 -8.41
CA ASP A 704 5.95 7.06 -7.75
C ASP A 704 5.17 7.06 -6.44
N MET A 705 3.97 6.47 -6.46
CA MET A 705 3.14 6.31 -5.27
C MET A 705 3.88 5.63 -4.12
N LEU A 706 4.55 4.52 -4.44
CA LEU A 706 5.32 3.78 -3.45
C LEU A 706 6.51 4.59 -2.93
N THR A 707 7.25 5.22 -3.84
CA THR A 707 8.41 6.07 -3.47
C THR A 707 7.98 7.25 -2.59
N LEU A 708 6.89 7.92 -2.97
CA LEU A 708 6.35 9.04 -2.20
C LEU A 708 5.88 8.63 -0.80
N GLN A 709 5.26 7.45 -0.69
CA GLN A 709 4.89 6.87 0.60
C GLN A 709 6.11 6.62 1.49
N ILE A 710 7.13 5.99 0.91
CA ILE A 710 8.36 5.68 1.62
C ILE A 710 9.09 6.95 2.10
N ILE A 711 9.17 7.95 1.23
CA ILE A 711 9.76 9.25 1.58
C ILE A 711 9.09 9.87 2.81
N ARG A 712 7.75 9.82 2.84
CA ARG A 712 6.96 10.32 3.97
C ARG A 712 7.27 9.56 5.27
N ILE A 713 7.43 8.24 5.16
CA ILE A 713 7.79 7.40 6.31
C ILE A 713 9.21 7.71 6.78
N MET A 714 10.16 7.85 5.85
CA MET A 714 11.54 8.24 6.17
C MET A 714 11.60 9.56 6.92
N GLU A 715 10.91 10.57 6.35
CA GLU A 715 10.75 11.89 6.98
C GLU A 715 10.20 11.77 8.39
N ASN A 716 9.13 11.01 8.53
CA ASN A 716 8.48 10.76 9.83
C ASN A 716 9.43 10.16 10.87
N ILE A 717 10.28 9.22 10.45
CA ILE A 717 11.29 8.61 11.32
C ILE A 717 12.35 9.63 11.74
N TRP A 718 12.79 10.46 10.80
CA TRP A 718 13.78 11.50 11.07
C TRP A 718 13.26 12.56 12.05
N GLN A 719 12.01 13.01 11.86
CA GLN A 719 11.41 14.01 12.75
C GLN A 719 11.26 13.52 14.20
N ASN A 720 10.80 12.27 14.37
CA ASN A 720 10.68 11.65 15.69
C ASN A 720 12.02 11.44 16.42
N GLN A 721 13.10 11.32 15.64
CA GLN A 721 14.46 11.20 16.18
C GLN A 721 15.16 12.55 16.43
N GLY A 722 14.42 13.66 16.33
CA GLY A 722 14.99 15.00 16.51
C GLY A 722 15.89 15.45 15.38
N LEU A 723 15.55 15.07 14.15
CA LEU A 723 16.36 15.36 12.97
C LEU A 723 15.45 15.97 11.89
N ASP A 724 15.44 17.29 11.81
CA ASP A 724 14.51 18.04 10.97
C ASP A 724 14.99 18.11 9.52
N LEU A 725 14.73 17.06 8.76
CA LEU A 725 15.01 17.03 7.32
C LEU A 725 13.69 17.06 6.58
N ARG A 726 13.31 18.26 6.13
CA ARG A 726 12.02 18.47 5.49
C ARG A 726 12.03 17.89 4.07
N MET A 727 11.11 16.95 3.84
CA MET A 727 10.88 16.34 2.53
C MET A 727 9.57 16.87 1.97
N LEU A 728 9.35 16.66 0.68
CA LEU A 728 8.11 17.08 0.02
C LEU A 728 7.47 15.89 -0.73
N PRO A 729 6.81 14.98 0.02
CA PRO A 729 6.05 13.91 -0.62
C PRO A 729 4.73 14.45 -1.18
N TYR A 730 4.81 15.03 -2.37
CA TYR A 730 3.64 15.53 -3.10
C TYR A 730 2.65 14.41 -3.39
N GLY A 731 1.36 14.75 -3.40
CA GLY A 731 0.30 13.80 -3.67
C GLY A 731 0.39 13.20 -5.06
N CYS A 732 0.14 11.90 -5.14
CA CYS A 732 0.13 11.18 -6.41
C CYS A 732 -0.84 10.00 -6.29
N LEU A 733 -1.77 9.90 -7.24
CA LEU A 733 -2.78 8.84 -7.23
C LEU A 733 -2.96 8.22 -8.60
N SER A 734 -2.61 6.95 -8.73
CA SER A 734 -2.99 6.16 -9.90
C SER A 734 -4.49 5.92 -9.83
N ILE A 735 -5.19 6.27 -10.91
CA ILE A 735 -6.64 6.08 -11.04
C ILE A 735 -7.02 4.98 -12.04
N GLY A 736 -6.03 4.40 -12.73
CA GLY A 736 -6.28 3.44 -13.79
C GLY A 736 -5.00 2.90 -14.41
N ASP A 737 -5.14 2.28 -15.58
CA ASP A 737 -4.02 1.72 -16.34
C ASP A 737 -3.14 2.84 -16.91
N CYS A 738 -2.01 3.09 -16.26
CA CYS A 738 -1.04 4.14 -16.66
C CYS A 738 -1.70 5.51 -16.82
N VAL A 739 -2.54 5.87 -15.84
CA VAL A 739 -3.23 7.16 -15.78
C VAL A 739 -3.34 7.55 -14.31
N GLY A 740 -3.18 8.83 -14.01
CA GLY A 740 -3.27 9.29 -12.63
C GLY A 740 -3.14 10.77 -12.45
N LEU A 741 -3.19 11.17 -11.17
CA LEU A 741 -3.18 12.57 -10.76
C LEU A 741 -1.94 12.85 -9.94
N ILE A 742 -1.43 14.07 -10.06
CA ILE A 742 -0.23 14.52 -9.35
C ILE A 742 -0.52 15.91 -8.78
N GLU A 743 -0.18 16.11 -7.51
CA GLU A 743 -0.35 17.39 -6.84
C GLU A 743 0.72 18.36 -7.32
N VAL A 744 0.30 19.57 -7.69
CA VAL A 744 1.23 20.64 -8.07
C VAL A 744 1.77 21.28 -6.79
N VAL A 745 3.11 21.38 -6.72
CA VAL A 745 3.76 22.11 -5.65
C VAL A 745 3.83 23.59 -6.07
N ARG A 746 3.15 24.45 -5.30
CA ARG A 746 3.12 25.89 -5.61
C ARG A 746 4.43 26.57 -5.24
N ASN A 747 4.75 27.65 -5.95
CA ASN A 747 5.92 28.50 -5.70
C ASN A 747 7.23 27.74 -5.78
N SER A 748 7.35 26.89 -6.81
CA SER A 748 8.50 26.02 -7.01
C SER A 748 8.97 26.14 -8.46
N HIS A 749 10.27 25.88 -8.66
CA HIS A 749 10.90 25.94 -9.97
C HIS A 749 11.95 24.84 -10.08
N THR A 750 12.12 24.30 -11.29
CA THR A 750 13.19 23.33 -11.57
C THR A 750 14.56 24.05 -11.54
N ILE A 751 15.63 23.27 -11.36
CA ILE A 751 17.00 23.83 -11.32
C ILE A 751 17.38 24.42 -12.69
N MET A 752 16.86 23.85 -13.77
CA MET A 752 17.04 24.39 -15.12
C MET A 752 16.39 25.77 -15.25
N GLN A 753 15.18 25.91 -14.73
CA GLN A 753 14.47 27.21 -14.71
C GLN A 753 15.20 28.30 -13.91
N ILE A 754 15.98 27.90 -12.90
CA ILE A 754 16.83 28.84 -12.15
C ILE A 754 18.02 29.29 -13.02
N GLN A 755 18.80 28.32 -13.49
CA GLN A 755 20.05 28.59 -14.21
C GLN A 755 19.85 29.25 -15.58
N CYS A 756 18.78 28.88 -16.29
CA CYS A 756 18.47 29.49 -17.60
C CYS A 756 17.95 30.92 -17.50
N LYS A 757 17.45 31.32 -16.33
CA LYS A 757 16.96 32.68 -16.04
C LYS A 757 15.76 33.07 -16.90
N ASN A 767 26.91 29.16 -15.33
CA ASN A 767 27.56 29.62 -14.10
C ASN A 767 27.05 28.88 -12.85
N SER A 768 27.98 28.43 -12.01
CA SER A 768 27.65 27.63 -10.82
C SER A 768 26.96 28.43 -9.71
N HIS A 769 27.30 29.71 -9.58
CA HIS A 769 26.76 30.57 -8.52
C HIS A 769 25.32 31.10 -8.76
N THR A 770 24.75 30.83 -9.94
CA THR A 770 23.39 31.29 -10.29
C THR A 770 22.31 30.83 -9.30
N LEU A 771 22.41 29.58 -8.82
CA LEU A 771 21.43 29.01 -7.89
C LEU A 771 21.48 29.66 -6.51
N HIS A 772 22.69 29.85 -5.99
CA HIS A 772 22.91 30.55 -4.71
C HIS A 772 22.47 32.02 -4.77
N GLN A 773 22.75 32.68 -5.91
CA GLN A 773 22.32 34.06 -6.16
C GLN A 773 20.79 34.18 -6.22
N TRP A 774 20.13 33.17 -6.78
CA TRP A 774 18.66 33.14 -6.85
C TRP A 774 18.01 33.04 -5.46
N LEU A 775 18.53 32.15 -4.62
CA LEU A 775 18.06 32.01 -3.23
C LEU A 775 18.40 33.23 -2.37
N LYS A 776 19.59 33.78 -2.57
CA LYS A 776 20.02 35.02 -1.89
C LYS A 776 19.12 36.20 -2.25
N ASP A 777 18.77 36.29 -3.53
CA ASP A 777 17.82 37.30 -4.03
C ASP A 777 16.40 37.07 -3.50
N LYS A 778 15.96 35.81 -3.53
CA LYS A 778 14.64 35.42 -3.03
C LYS A 778 14.50 35.52 -1.51
N ASN A 779 15.61 35.38 -0.77
CA ASN A 779 15.62 35.48 0.69
C ASN A 779 16.68 36.46 1.18
N LYS A 780 16.34 37.75 1.11
CA LYS A 780 17.24 38.83 1.54
C LYS A 780 17.10 39.09 3.04
N GLY A 781 18.15 39.64 3.64
CA GLY A 781 18.12 40.08 5.03
C GLY A 781 18.25 38.96 6.04
N GLU A 782 17.48 39.06 7.13
CA GLU A 782 17.53 38.11 8.24
C GLU A 782 17.07 36.69 7.91
N ILE A 783 16.17 36.56 6.91
CA ILE A 783 15.64 35.25 6.48
C ILE A 783 16.56 34.44 5.53
N TYR A 784 17.73 34.98 5.20
CA TYR A 784 18.73 34.27 4.36
C TYR A 784 19.21 32.97 4.99
N ASP A 785 19.55 33.00 6.27
CA ASP A 785 20.10 31.84 6.99
C ASP A 785 19.07 30.70 7.11
N ALA A 786 17.80 31.05 7.32
CA ALA A 786 16.70 30.08 7.33
C ALA A 786 16.55 29.34 6.00
N ALA A 787 16.77 30.05 4.89
CA ALA A 787 16.67 29.47 3.54
C ALA A 787 17.82 28.51 3.21
N ILE A 788 19.05 28.91 3.57
CA ILE A 788 20.23 28.07 3.39
C ILE A 788 20.15 26.82 4.29
N ASP A 789 19.66 27.01 5.52
CA ASP A 789 19.46 25.92 6.47
C ASP A 789 18.39 24.92 6.00
N LEU A 790 17.30 25.44 5.45
CA LEU A 790 16.23 24.63 4.88
C LEU A 790 16.69 23.87 3.63
N PHE A 791 17.50 24.55 2.81
CA PHE A 791 18.08 23.94 1.61
C PHE A 791 19.02 22.78 1.94
N THR A 792 19.96 23.01 2.86
CA THR A 792 20.92 21.98 3.26
C THR A 792 20.24 20.77 3.92
N ARG A 793 19.24 21.03 4.78
CA ARG A 793 18.50 19.97 5.47
C ARG A 793 17.66 19.10 4.52
N SER A 794 16.93 19.75 3.61
CA SER A 794 16.13 19.05 2.60
C SER A 794 17.00 18.29 1.60
N CYS A 795 18.10 18.92 1.20
CA CYS A 795 19.10 18.29 0.32
C CYS A 795 19.70 17.02 0.93
N ALA A 796 19.96 17.05 2.24
CA ALA A 796 20.49 15.89 2.97
C ALA A 796 19.53 14.71 2.97
N GLY A 797 18.26 14.99 3.26
CA GLY A 797 17.18 13.99 3.24
C GLY A 797 17.04 13.30 1.91
N TYR A 798 17.05 14.08 0.82
CA TYR A 798 16.91 13.53 -0.53
C TYR A 798 18.15 12.79 -1.02
N CYS A 799 19.34 13.23 -0.60
CA CYS A 799 20.59 12.49 -0.86
C CYS A 799 20.54 11.07 -0.30
N VAL A 800 20.19 10.97 0.97
CA VAL A 800 20.10 9.68 1.66
C VAL A 800 18.94 8.83 1.11
N ALA A 801 17.75 9.42 1.01
CA ALA A 801 16.56 8.71 0.54
C ALA A 801 16.72 8.12 -0.87
N THR A 802 17.24 8.92 -1.80
CA THR A 802 17.43 8.45 -3.18
C THR A 802 18.54 7.40 -3.31
N PHE A 803 19.60 7.53 -2.52
CA PHE A 803 20.66 6.51 -2.48
C PHE A 803 20.15 5.16 -1.96
N ILE A 804 19.41 5.19 -0.86
CA ILE A 804 18.86 3.96 -0.28
C ILE A 804 17.94 3.25 -1.28
N LEU A 805 17.03 4.02 -1.89
CA LEU A 805 16.01 3.46 -2.78
C LEU A 805 16.44 3.20 -4.22
N GLY A 806 17.58 3.74 -4.65
CA GLY A 806 18.05 3.54 -6.03
C GLY A 806 17.15 4.18 -7.06
N ILE A 807 16.74 5.42 -6.78
CA ILE A 807 15.83 6.20 -7.63
C ILE A 807 16.49 6.52 -8.98
N GLY A 808 15.68 6.84 -9.99
CA GLY A 808 16.19 7.25 -11.32
C GLY A 808 17.12 8.45 -11.27
N ASP A 809 18.07 8.50 -12.22
CA ASP A 809 19.12 9.53 -12.23
C ASP A 809 18.55 10.94 -12.12
N ARG A 810 19.12 11.72 -11.20
CA ARG A 810 18.70 13.11 -11.03
C ARG A 810 19.42 14.04 -12.00
N HIS A 811 18.74 15.13 -12.33
CA HIS A 811 19.27 16.19 -13.19
C HIS A 811 18.43 17.45 -13.00
N ASN A 812 18.80 18.52 -13.73
CA ASN A 812 18.17 19.83 -13.57
C ASN A 812 16.66 19.90 -13.82
N SER A 813 16.16 19.08 -14.73
CA SER A 813 14.71 18.97 -14.99
C SER A 813 13.83 18.22 -13.96
N ASN A 814 14.42 17.31 -13.17
CA ASN A 814 13.64 16.54 -12.17
C ASN A 814 14.05 16.80 -10.70
N ILE A 815 14.79 17.88 -10.49
CA ILE A 815 15.07 18.42 -9.15
C ILE A 815 14.42 19.79 -9.15
N MET A 816 13.70 20.10 -8.08
CA MET A 816 13.03 21.39 -7.95
C MET A 816 13.39 22.04 -6.62
N VAL A 817 13.14 23.35 -6.56
CA VAL A 817 13.41 24.15 -5.36
C VAL A 817 12.31 25.20 -5.19
N LYS A 818 11.86 25.37 -3.94
CA LYS A 818 10.88 26.40 -3.61
C LYS A 818 11.58 27.74 -3.38
N ASP A 819 10.78 28.80 -3.32
CA ASP A 819 11.28 30.15 -3.04
C ASP A 819 11.96 30.26 -1.68
N ASP A 820 11.39 29.60 -0.66
CA ASP A 820 11.94 29.62 0.70
C ASP A 820 13.20 28.77 0.94
N GLY A 821 13.65 28.03 -0.10
CA GLY A 821 14.87 27.22 -0.03
C GLY A 821 14.66 25.72 -0.03
N GLN A 822 13.41 25.26 0.09
CA GLN A 822 13.11 23.83 0.20
C GLN A 822 13.35 23.09 -1.13
N LEU A 823 14.37 22.24 -1.15
CA LEU A 823 14.70 21.42 -2.31
C LEU A 823 13.91 20.11 -2.28
N PHE A 824 13.44 19.67 -3.44
CA PHE A 824 12.76 18.37 -3.57
C PHE A 824 12.89 17.81 -4.97
N HIS A 825 12.55 16.53 -5.11
CA HIS A 825 12.64 15.81 -6.38
C HIS A 825 11.26 15.47 -6.93
N ILE A 826 11.17 15.33 -8.25
CA ILE A 826 9.95 14.95 -8.94
C ILE A 826 10.23 13.79 -9.88
N ASP A 827 9.16 13.07 -10.23
CA ASP A 827 9.21 11.92 -11.13
C ASP A 827 10.12 10.80 -10.60
N PHE A 828 9.56 10.00 -9.69
CA PHE A 828 10.20 8.79 -9.18
C PHE A 828 9.70 7.58 -9.98
N GLY A 829 10.07 7.56 -11.26
CA GLY A 829 9.62 6.54 -12.20
C GLY A 829 10.21 5.18 -11.94
N HIS A 830 11.52 5.15 -11.67
CA HIS A 830 12.25 3.91 -11.39
C HIS A 830 12.80 3.89 -9.97
N PHE A 831 13.03 2.69 -9.46
CA PHE A 831 13.68 2.48 -8.17
C PHE A 831 14.44 1.16 -8.11
N LEU A 832 15.16 0.92 -7.02
CA LEU A 832 15.90 -0.32 -6.77
C LEU A 832 16.95 -0.59 -7.87
N ASP A 833 17.28 -1.86 -8.13
CA ASP A 833 18.35 -2.21 -9.07
C ASP A 833 17.85 -2.16 -10.53
N HIS A 834 17.46 -0.96 -10.98
CA HIS A 834 16.87 -0.79 -12.31
C HIS A 834 17.96 -0.65 -13.38
N ARG A 843 27.10 -3.53 -8.21
CA ARG A 843 27.41 -2.15 -7.83
C ARG A 843 26.13 -1.33 -7.61
N GLU A 844 26.20 -0.40 -6.66
CA GLU A 844 25.11 0.51 -6.33
C GLU A 844 25.36 1.89 -6.92
N ARG A 845 24.28 2.66 -7.11
CA ARG A 845 24.32 3.97 -7.75
C ARG A 845 24.15 5.10 -6.75
N VAL A 846 24.50 6.31 -7.19
CA VAL A 846 24.23 7.55 -6.46
C VAL A 846 23.38 8.41 -7.41
N PRO A 847 22.04 8.35 -7.29
CA PRO A 847 21.16 9.08 -8.21
C PRO A 847 21.26 10.60 -8.13
N PHE A 848 21.42 11.13 -6.91
CA PHE A 848 21.47 12.56 -6.66
C PHE A 848 22.91 13.00 -6.37
N VAL A 849 23.62 13.37 -7.44
CA VAL A 849 24.99 13.88 -7.36
C VAL A 849 24.93 15.39 -7.13
N LEU A 850 25.30 15.83 -5.93
CA LEU A 850 25.52 17.25 -5.64
C LEU A 850 26.63 17.83 -6.52
N THR A 851 26.22 18.46 -7.63
CA THR A 851 27.13 19.29 -8.43
C THR A 851 27.50 20.57 -7.65
N GLN A 852 28.49 21.29 -8.16
CA GLN A 852 28.99 22.53 -7.53
C GLN A 852 27.88 23.53 -7.19
N ASP A 853 26.88 23.62 -8.08
CA ASP A 853 25.67 24.44 -7.87
C ASP A 853 25.07 24.29 -6.47
N PHE A 854 24.93 23.04 -6.04
CA PHE A 854 24.28 22.72 -4.75
C PHE A 854 25.23 22.97 -3.57
N LEU A 855 26.49 22.59 -3.73
CA LEU A 855 27.51 22.75 -2.66
C LEU A 855 27.82 24.21 -2.33
N ILE A 856 27.76 25.09 -3.33
CA ILE A 856 27.91 26.54 -3.14
C ILE A 856 26.82 27.10 -2.23
N VAL A 857 25.59 26.62 -2.39
CA VAL A 857 24.45 27.05 -1.55
C VAL A 857 24.66 26.62 -0.10
N ILE A 858 25.09 25.38 0.11
CA ILE A 858 25.32 24.85 1.47
C ILE A 858 26.43 25.64 2.19
N SER A 859 27.53 25.91 1.49
CA SER A 859 28.67 26.67 2.03
C SER A 859 28.52 28.20 2.07
N LYS A 860 27.40 28.73 1.57
CA LYS A 860 27.09 30.18 1.57
C LYS A 860 28.05 30.99 0.70
N GLY A 861 28.12 30.61 -0.57
CA GLY A 861 28.88 31.35 -1.58
C GLY A 861 30.41 31.22 -1.53
N ALA A 862 30.93 30.29 -0.74
CA ALA A 862 32.37 30.10 -0.59
C ALA A 862 32.96 29.39 -1.80
N GLN A 863 34.22 29.71 -2.12
CA GLN A 863 34.91 29.13 -3.27
C GLN A 863 35.25 27.67 -3.06
N GLU A 864 35.94 27.39 -1.95
CA GLU A 864 36.28 26.03 -1.54
C GLU A 864 35.16 25.48 -0.64
N CYS A 865 34.04 25.16 -1.27
CA CYS A 865 32.83 24.68 -0.57
C CYS A 865 32.98 23.29 0.07
N THR A 866 33.79 22.43 -0.56
CA THR A 866 34.08 21.08 -0.04
C THR A 866 34.76 21.06 1.34
N LYS A 867 35.62 22.04 1.61
CA LYS A 867 36.30 22.17 2.91
C LYS A 867 35.71 23.33 3.73
N THR A 868 34.53 23.08 4.30
CA THR A 868 33.85 24.04 5.18
C THR A 868 33.12 23.34 6.33
N ARG A 869 32.88 24.09 7.40
CA ARG A 869 32.11 23.60 8.56
C ARG A 869 30.63 23.41 8.23
N GLU A 870 30.11 24.16 7.26
CA GLU A 870 28.74 23.98 6.77
C GLU A 870 28.59 22.62 6.06
N PHE A 871 29.57 22.28 5.22
CA PHE A 871 29.59 20.99 4.52
C PHE A 871 29.79 19.82 5.49
N GLU A 872 30.67 20.01 6.49
CA GLU A 872 30.85 19.02 7.57
C GLU A 872 29.54 18.73 8.32
N ARG A 873 28.77 19.78 8.60
CA ARG A 873 27.46 19.64 9.24
C ARG A 873 26.42 18.98 8.31
N PHE A 874 26.48 19.32 7.03
CA PHE A 874 25.65 18.67 6.00
C PHE A 874 25.93 17.16 5.90
N GLN A 875 27.20 16.79 5.94
CA GLN A 875 27.61 15.38 6.00
C GLN A 875 27.07 14.67 7.24
N GLU A 876 27.15 15.35 8.39
CA GLU A 876 26.66 14.82 9.66
C GLU A 876 25.16 14.53 9.63
N MET A 877 24.38 15.41 9.00
CA MET A 877 22.95 15.17 8.76
C MET A 877 22.72 13.91 7.92
N CYS A 878 23.50 13.75 6.86
CA CYS A 878 23.39 12.58 5.98
C CYS A 878 23.74 11.26 6.68
N TYR A 879 24.76 11.29 7.55
CA TYR A 879 25.16 10.09 8.31
C TYR A 879 24.11 9.68 9.33
N LYS A 880 23.61 10.65 10.09
CA LYS A 880 22.55 10.40 11.09
C LYS A 880 21.24 9.95 10.44
N ALA A 881 20.91 10.56 9.29
CA ALA A 881 19.75 10.16 8.49
C ALA A 881 19.86 8.73 7.95
N TYR A 882 21.04 8.41 7.41
CA TYR A 882 21.30 7.09 6.82
C TYR A 882 21.21 5.96 7.85
N LEU A 883 21.84 6.17 9.01
CA LEU A 883 21.80 5.20 10.10
C LEU A 883 20.42 5.04 10.75
N ALA A 884 19.63 6.12 10.74
CA ALA A 884 18.25 6.09 11.28
C ALA A 884 17.34 5.16 10.48
N ILE A 885 17.46 5.22 9.15
CA ILE A 885 16.69 4.35 8.25
C ILE A 885 17.17 2.90 8.37
N ARG A 886 18.48 2.72 8.55
CA ARG A 886 19.11 1.41 8.80
C ARG A 886 18.42 0.64 9.94
N GLN A 887 18.11 1.37 11.02
CA GLN A 887 17.44 0.80 12.21
C GLN A 887 15.98 0.36 11.96
N HIS A 888 15.34 0.92 10.93
CA HIS A 888 13.98 0.54 10.53
C HIS A 888 13.94 -0.20 9.18
N ALA A 889 15.01 -0.94 8.86
CA ALA A 889 15.14 -1.65 7.58
C ALA A 889 14.05 -2.69 7.32
N ASN A 890 13.61 -3.36 8.38
CA ASN A 890 12.59 -4.40 8.28
C ASN A 890 11.27 -3.86 7.72
N LEU A 891 10.88 -2.66 8.18
CA LEU A 891 9.67 -1.98 7.72
C LEU A 891 9.70 -1.75 6.21
N PHE A 892 10.80 -1.16 5.74
CA PHE A 892 10.94 -0.84 4.32
C PHE A 892 11.05 -2.09 3.46
N ILE A 893 11.76 -3.11 3.95
CA ILE A 893 11.81 -4.41 3.27
C ILE A 893 10.42 -5.04 3.18
N ASN A 894 9.67 -4.98 4.28
CA ASN A 894 8.30 -5.51 4.30
C ASN A 894 7.34 -4.72 3.41
N LEU A 895 7.44 -3.40 3.45
CA LEU A 895 6.60 -2.54 2.58
C LEU A 895 6.81 -2.86 1.11
N PHE A 896 8.07 -3.06 0.70
CA PHE A 896 8.39 -3.54 -0.64
C PHE A 896 7.92 -4.98 -0.90
N SER A 897 8.11 -5.87 0.08
CA SER A 897 7.69 -7.27 -0.04
C SER A 897 6.17 -7.45 -0.25
N MET A 898 5.38 -6.61 0.41
CA MET A 898 3.92 -6.60 0.22
C MET A 898 3.45 -6.13 -1.16
N MET A 899 4.32 -5.41 -1.88
CA MET A 899 4.02 -4.92 -3.24
C MET A 899 4.50 -5.83 -4.38
N LEU A 900 5.05 -7.00 -4.06
CA LEU A 900 5.56 -7.94 -5.08
C LEU A 900 4.49 -8.46 -6.05
N GLY A 901 3.27 -8.60 -5.55
CA GLY A 901 2.15 -9.11 -6.35
C GLY A 901 1.64 -8.21 -7.44
N SER A 902 1.85 -6.91 -7.28
CA SER A 902 1.59 -5.94 -8.31
C SER A 902 2.47 -6.22 -9.53
N GLY A 903 2.05 -5.71 -10.69
CA GLY A 903 2.80 -5.85 -11.92
C GLY A 903 3.79 -4.71 -12.19
N MET A 904 4.52 -4.28 -11.16
CA MET A 904 5.55 -3.26 -11.33
C MET A 904 6.83 -3.97 -11.78
N PRO A 905 7.35 -3.61 -12.98
CA PRO A 905 8.50 -4.37 -13.55
C PRO A 905 9.80 -4.26 -12.76
N GLU A 906 9.97 -3.18 -11.97
CA GLU A 906 11.14 -2.99 -11.12
C GLU A 906 11.07 -3.78 -9.80
N LEU A 907 9.93 -4.41 -9.50
CA LEU A 907 9.71 -5.15 -8.26
C LEU A 907 9.00 -6.47 -8.57
N GLN A 908 9.76 -7.42 -9.13
CA GLN A 908 9.23 -8.72 -9.57
C GLN A 908 9.53 -9.88 -8.61
N SER A 909 10.66 -9.82 -7.92
CA SER A 909 11.05 -10.87 -6.97
C SER A 909 11.74 -10.29 -5.73
N PHE A 910 12.02 -11.16 -4.75
CA PHE A 910 12.79 -10.78 -3.56
C PHE A 910 14.24 -10.35 -3.86
N ASP A 911 14.78 -10.79 -4.99
CA ASP A 911 16.10 -10.35 -5.48
C ASP A 911 16.14 -8.84 -5.78
N ASP A 912 15.05 -8.29 -6.30
CA ASP A 912 14.94 -6.84 -6.55
C ASP A 912 14.99 -6.02 -5.27
N ILE A 913 14.36 -6.54 -4.21
CA ILE A 913 14.30 -5.86 -2.91
C ILE A 913 15.66 -5.95 -2.20
N ALA A 914 16.43 -7.01 -2.48
CA ALA A 914 17.79 -7.17 -1.95
C ALA A 914 18.76 -6.02 -2.27
N TYR A 915 18.43 -5.18 -3.26
CA TYR A 915 19.12 -3.91 -3.47
C TYR A 915 19.16 -3.02 -2.21
N ILE A 916 18.06 -2.96 -1.48
CA ILE A 916 17.97 -2.18 -0.24
C ILE A 916 18.86 -2.76 0.87
N ARG A 917 18.98 -4.09 0.90
CA ARG A 917 19.92 -4.79 1.78
C ARG A 917 21.38 -4.38 1.52
N LYS A 918 21.71 -4.14 0.24
CA LYS A 918 23.03 -3.64 -0.15
C LYS A 918 23.24 -2.17 0.20
N THR A 919 22.29 -1.31 -0.17
CA THR A 919 22.42 0.13 0.11
C THR A 919 22.40 0.45 1.61
N LEU A 920 21.61 -0.29 2.39
CA LEU A 920 21.59 -0.15 3.85
C LEU A 920 22.68 -0.95 4.58
N ALA A 921 23.35 -1.86 3.88
CA ALA A 921 24.53 -2.58 4.39
C ALA A 921 24.23 -3.37 5.67
N LEU A 922 23.19 -4.21 5.59
CA LEU A 922 22.64 -4.88 6.76
C LEU A 922 23.51 -6.02 7.32
N ASP A 923 24.22 -6.72 6.44
CA ASP A 923 25.22 -7.72 6.87
C ASP A 923 26.40 -7.10 7.63
N LYS A 924 26.77 -5.88 7.25
CA LYS A 924 27.87 -5.16 7.89
C LYS A 924 27.48 -4.58 9.24
N THR A 925 28.49 -4.10 9.97
CA THR A 925 28.28 -3.39 11.24
C THR A 925 27.88 -1.94 10.98
N GLU A 926 27.53 -1.23 12.03
CA GLU A 926 27.09 0.18 11.95
C GLU A 926 28.19 1.14 11.49
N GLN A 927 29.42 0.90 11.94
CA GLN A 927 30.58 1.70 11.53
C GLN A 927 30.98 1.39 10.09
N GLU A 928 30.95 0.11 9.72
CA GLU A 928 31.19 -0.33 8.34
C GLU A 928 30.11 0.18 7.38
N ALA A 929 28.88 0.35 7.87
CA ALA A 929 27.79 0.93 7.10
C ALA A 929 28.03 2.41 6.77
N LEU A 930 28.51 3.17 7.75
CA LEU A 930 28.92 4.58 7.53
C LEU A 930 30.06 4.69 6.53
N GLU A 931 31.08 3.85 6.70
CA GLU A 931 32.24 3.82 5.79
C GLU A 931 31.85 3.43 4.36
N TYR A 932 30.92 2.49 4.23
CA TYR A 932 30.33 2.13 2.93
C TYR A 932 29.62 3.32 2.29
N PHE A 933 28.75 3.96 3.07
CA PHE A 933 28.00 5.14 2.61
C PHE A 933 28.91 6.27 2.17
N MET A 934 29.95 6.53 2.95
CA MET A 934 30.96 7.56 2.62
C MET A 934 31.72 7.25 1.33
N LYS A 935 32.10 5.99 1.14
CA LYS A 935 32.81 5.54 -0.06
C LYS A 935 31.97 5.74 -1.34
N GLN A 936 30.70 5.37 -1.27
CA GLN A 936 29.78 5.53 -2.40
C GLN A 936 29.59 7.00 -2.76
N MET A 937 29.46 7.85 -1.73
CA MET A 937 29.39 9.30 -1.91
C MET A 937 30.71 9.90 -2.42
N ASN A 938 31.84 9.40 -1.92
CA ASN A 938 33.16 9.89 -2.33
C ASN A 938 33.47 9.62 -3.81
N ASP A 939 33.22 8.39 -4.24
CA ASP A 939 33.47 7.98 -5.64
C ASP A 939 32.56 8.68 -6.64
N ALA A 940 31.29 8.90 -6.26
CA ALA A 940 30.32 9.58 -7.11
C ALA A 940 30.67 11.06 -7.35
N HIS A 941 31.17 11.72 -6.30
CA HIS A 941 31.55 13.14 -6.34
C HIS A 941 33.00 13.40 -6.75
N HIS A 942 33.81 12.34 -6.88
CA HIS A 942 35.24 12.42 -7.19
C HIS A 942 35.99 13.21 -6.12
N GLY A 943 35.99 12.67 -4.91
CA GLY A 943 36.58 13.31 -3.73
C GLY A 943 35.57 14.15 -2.96
N GLY A 944 35.83 14.33 -1.66
CA GLY A 944 34.98 15.11 -0.77
C GLY A 944 34.61 14.36 0.50
N TRP A 945 34.18 13.11 0.33
CA TRP A 945 33.66 12.29 1.43
C TRP A 945 34.69 11.25 1.87
#